data_1J8V
#
_entry.id   1J8V
#
_cell.length_a   100.533
_cell.length_b   100.533
_cell.length_c   181.959
_cell.angle_alpha   90.00
_cell.angle_beta   90.00
_cell.angle_gamma   90.00
#
_symmetry.space_group_name_H-M   'P 43 21 2'
#
loop_
_entity.id
_entity.type
_entity.pdbx_description
1 polymer 'Beta-D-glucan glucohydrolase isoenzyme EXO1'
2 branched beta-D-mannopyranose-(1-4)-2-acetamido-2-deoxy-beta-D-glucopyranose-(1-4)-2-acetamido-2-deoxy-beta-D-glucopyranose
3 branched 2-acetamido-2-deoxy-beta-D-glucopyranose-(1-2)-alpha-D-mannopyranose-(1-6)-beta-D-mannopyranose-(1-4)-2-acetamido-2-deoxy-beta-D-glucopyranose-(1-4)-[alpha-L-fucopyranose-(1-3)]2-acetamido-2-deoxy-beta-D-glucopyranose
4 branched 2-acetamido-2-deoxy-beta-D-glucopyranose-(1-4)-2-acetamido-2-deoxy-beta-D-glucopyranose
5 non-polymer "4'-NITROPHENYL-S-(BETA-D-GLUCOPYRANOSYL)-(1-3)-(3-THIO-BETA-D-GLUCOPYRANOSYL)-(1-3)-BETA-D-GLUCOPYRANOSIDE"
6 water water
#
_entity_poly.entity_id   1
_entity_poly.type   'polypeptide(L)'
_entity_poly.pdbx_seq_one_letter_code
;DYVLYKDATKPVEDRVADLLGRMTLAEKIGQMTQIERLVATPDVLRDNFIGSLLSGGGSVPRKGATAKEWQDMVDGFQKA
CMSTRLGIPMIYGIDAVHGQNNVYGATIFPHNVGLGATRDPYLVKRIGEATALEVRATGIQYAFAPCIAVCRDPRWGRCY
ESYSEDRRIVQSMTELIPGLQGDVPKDFTSGMPFVAGKNKVAACAKHFVGDGGTVDGINENNTIINREGLMNIHMPAYKN
AMDKGVSTVMISYSSWNGVKMHANQDLVTGYLKDTLKFKGFVISDWEGIDRITTPAGSDYSYSVKASILAGLDMIMVPNK
YQQFISILTGHVNGGVIPMSRIDDAVTRILRVKFTMGLFENPYADPAMAEQLGKQEHRDLAREAARKSLVLLKNGKTSTD
APLLPLPKKAPKILVAGSHADNLGYQCGGWTIEWQGDTGRTTVGTTILEAVKAAVDPSTVVVFAENPDAEFVKSGGFSYA
IVAVGEHPYTETKGDNLNLTIPEPGLSTVQAVCGGVRCATVLISGRPVVVQPLLAASDALVAAWLPGSEGQGVTDALFGD
FGFTGRLPRTWFKSVDQLPMNVGDAHYDPLFRLGYGLTTNATKKY
;
_entity_poly.pdbx_strand_id   A
#
loop_
_chem_comp.id
_chem_comp.type
_chem_comp.name
_chem_comp.formula
BMA D-saccharide, beta linking beta-D-mannopyranose 'C6 H12 O6'
FUC L-saccharide, alpha linking alpha-L-fucopyranose 'C6 H12 O5'
LAM non-polymer 4'-NITROPHENYL-S-(BETA-D-GLUCOPYRANOSYL)-(1-3)-(3-THIO-BETA-D-GLUCOPYRANOSYL)-(1-3)-BETA-D-GLUCOPYRANOSIDE 'C24 H35 N O17 S'
MAN D-saccharide, alpha linking alpha-D-mannopyranose 'C6 H12 O6'
NAG D-saccharide, beta linking 2-acetamido-2-deoxy-beta-D-glucopyranose 'C8 H15 N O6'
#
# COMPACT_ATOMS: atom_id res chain seq x y z
N ASP A 1 37.54 17.62 -20.29
CA ASP A 1 37.24 18.87 -19.54
C ASP A 1 36.22 18.63 -18.42
N TYR A 2 35.78 19.73 -17.80
CA TYR A 2 34.80 19.69 -16.72
C TYR A 2 33.48 19.05 -17.11
N VAL A 3 32.98 18.17 -16.26
CA VAL A 3 31.72 17.48 -16.51
C VAL A 3 30.62 18.01 -15.61
N LEU A 4 29.80 18.89 -16.18
CA LEU A 4 28.70 19.53 -15.46
C LEU A 4 27.78 18.61 -14.66
N TYR A 5 27.23 17.57 -15.30
CA TYR A 5 26.29 16.70 -14.62
C TYR A 5 26.80 15.98 -13.38
N LYS A 6 28.12 15.84 -13.25
CA LYS A 6 28.68 15.17 -12.10
C LYS A 6 28.92 16.13 -10.94
N ASP A 7 28.81 17.42 -11.22
CA ASP A 7 29.01 18.48 -10.23
C ASP A 7 27.79 18.64 -9.31
N ALA A 8 27.92 18.19 -8.06
CA ALA A 8 26.82 18.26 -7.09
C ALA A 8 26.35 19.66 -6.71
N THR A 9 27.21 20.65 -6.93
CA THR A 9 26.85 22.03 -6.59
C THR A 9 26.11 22.73 -7.71
N LYS A 10 25.62 21.97 -8.68
CA LYS A 10 24.90 22.57 -9.80
C LYS A 10 23.42 22.24 -9.77
N PRO A 11 22.60 23.14 -10.30
CA PRO A 11 21.14 22.96 -10.33
C PRO A 11 20.73 21.68 -11.07
N VAL A 12 19.65 21.08 -10.58
CA VAL A 12 19.09 19.85 -11.16
C VAL A 12 18.86 19.97 -12.66
N GLU A 13 18.13 21.00 -13.08
CA GLU A 13 17.84 21.19 -14.50
C GLU A 13 19.10 21.28 -15.35
N ASP A 14 20.13 21.98 -14.87
CA ASP A 14 21.38 22.09 -15.62
C ASP A 14 22.04 20.74 -15.78
N ARG A 15 22.07 19.97 -14.69
CA ARG A 15 22.68 18.65 -14.70
C ARG A 15 21.92 17.70 -15.61
N VAL A 16 20.59 17.73 -15.55
CA VAL A 16 19.79 16.87 -16.41
C VAL A 16 20.13 17.15 -17.87
N ALA A 17 20.06 18.42 -18.25
CA ALA A 17 20.34 18.85 -19.61
C ALA A 17 21.74 18.44 -20.06
N ASP A 18 22.71 18.61 -19.17
CA ASP A 18 24.09 18.26 -19.50
C ASP A 18 24.26 16.77 -19.76
N LEU A 19 23.72 15.96 -18.86
CA LEU A 19 23.81 14.50 -18.98
C LEU A 19 23.05 13.99 -20.20
N LEU A 20 21.81 14.46 -20.36
CA LEU A 20 20.98 14.05 -21.48
C LEU A 20 21.74 14.30 -22.79
N GLY A 21 22.27 15.52 -22.93
CA GLY A 21 23.01 15.88 -24.13
C GLY A 21 24.22 15.00 -24.45
N ARG A 22 24.56 14.08 -23.55
CA ARG A 22 25.71 13.22 -23.79
C ARG A 22 25.28 11.78 -24.06
N MET A 23 24.03 11.47 -23.75
CA MET A 23 23.49 10.12 -23.91
C MET A 23 23.18 9.63 -25.31
N THR A 24 23.41 8.35 -25.53
CA THR A 24 23.12 7.73 -26.81
C THR A 24 21.72 7.14 -26.69
N LEU A 25 21.12 6.78 -27.81
CA LEU A 25 19.78 6.19 -27.78
C LEU A 25 19.73 5.02 -26.79
N ALA A 26 20.71 4.13 -26.88
CA ALA A 26 20.75 2.96 -26.01
C ALA A 26 20.73 3.35 -24.54
N GLU A 27 21.42 4.44 -24.20
CA GLU A 27 21.48 4.89 -22.81
C GLU A 27 20.18 5.56 -22.40
N LYS A 28 19.54 6.23 -23.35
CA LYS A 28 18.28 6.90 -23.07
C LYS A 28 17.19 5.84 -22.83
N ILE A 29 17.06 4.90 -23.76
CA ILE A 29 16.06 3.84 -23.64
C ILE A 29 16.33 2.98 -22.41
N GLY A 30 17.61 2.81 -22.06
CA GLY A 30 17.96 2.02 -20.90
C GLY A 30 17.43 2.66 -19.62
N GLN A 31 17.40 3.98 -19.56
CA GLN A 31 16.90 4.67 -18.39
C GLN A 31 15.41 4.44 -18.26
N MET A 32 14.74 4.23 -19.39
CA MET A 32 13.30 4.01 -19.38
C MET A 32 12.92 2.57 -19.06
N THR A 33 13.91 1.73 -18.81
CA THR A 33 13.68 0.33 -18.52
C THR A 33 13.80 -0.06 -17.06
N GLN A 34 12.78 -0.71 -16.53
CA GLN A 34 12.80 -1.17 -15.15
C GLN A 34 12.63 -2.69 -15.17
N ILE A 35 13.59 -3.40 -14.59
CA ILE A 35 13.54 -4.86 -14.57
C ILE A 35 13.49 -5.46 -13.17
N GLU A 36 12.98 -6.69 -13.07
CA GLU A 36 12.88 -7.36 -11.80
C GLU A 36 14.27 -7.84 -11.42
N ARG A 37 14.56 -7.88 -10.13
CA ARG A 37 15.87 -8.33 -9.67
C ARG A 37 16.13 -9.78 -10.11
N LEU A 38 15.07 -10.58 -10.18
CA LEU A 38 15.20 -11.97 -10.58
C LEU A 38 15.86 -12.15 -11.95
N VAL A 39 15.69 -11.18 -12.86
CA VAL A 39 16.31 -11.30 -14.18
C VAL A 39 17.51 -10.38 -14.38
N ALA A 40 18.04 -9.79 -13.29
CA ALA A 40 19.18 -8.87 -13.40
C ALA A 40 20.55 -9.46 -13.07
N THR A 41 21.54 -8.98 -13.83
CA THR A 41 22.93 -9.41 -13.70
C THR A 41 23.83 -8.20 -13.86
N PRO A 42 25.07 -8.25 -13.31
CA PRO A 42 25.92 -7.07 -13.47
C PRO A 42 26.10 -6.81 -14.97
N ASP A 43 26.31 -7.88 -15.75
CA ASP A 43 26.46 -7.72 -17.18
C ASP A 43 25.19 -7.10 -17.78
N VAL A 44 24.06 -7.73 -17.49
CA VAL A 44 22.76 -7.25 -17.97
C VAL A 44 22.51 -5.78 -17.66
N LEU A 45 22.76 -5.40 -16.41
CA LEU A 45 22.56 -4.02 -16.00
C LEU A 45 23.56 -3.10 -16.68
N ARG A 46 24.80 -3.55 -16.80
CA ARG A 46 25.84 -2.74 -17.43
C ARG A 46 25.64 -2.61 -18.94
N ASP A 47 25.47 -3.75 -19.61
CA ASP A 47 25.30 -3.76 -21.06
C ASP A 47 24.05 -3.07 -21.59
N ASN A 48 22.96 -3.13 -20.83
CA ASN A 48 21.71 -2.49 -21.27
C ASN A 48 21.47 -1.11 -20.68
N PHE A 49 22.43 -0.61 -19.91
CA PHE A 49 22.30 0.71 -19.31
C PHE A 49 20.99 0.84 -18.53
N ILE A 50 20.60 -0.23 -17.84
CA ILE A 50 19.37 -0.23 -17.07
C ILE A 50 19.23 0.96 -16.12
N GLY A 51 18.06 1.60 -16.15
CA GLY A 51 17.84 2.77 -15.31
C GLY A 51 17.19 2.48 -13.97
N SER A 52 16.56 1.32 -13.85
CA SER A 52 15.92 1.00 -12.59
C SER A 52 15.59 -0.48 -12.42
N LEU A 53 15.60 -0.93 -11.17
CA LEU A 53 15.24 -2.29 -10.82
C LEU A 53 14.13 -2.21 -9.77
N LEU A 54 13.34 -3.27 -9.66
CA LEU A 54 12.29 -3.29 -8.66
C LEU A 54 12.21 -4.68 -8.06
N SER A 55 11.43 -4.80 -7.01
CA SER A 55 11.25 -6.06 -6.33
C SER A 55 9.74 -6.21 -6.23
N GLY A 56 9.19 -7.12 -7.01
CA GLY A 56 7.75 -7.34 -6.97
C GLY A 56 7.41 -8.04 -5.66
N GLY A 57 6.11 -8.18 -5.38
CA GLY A 57 5.72 -8.84 -4.15
C GLY A 57 6.40 -10.18 -3.92
N GLY A 58 7.02 -10.34 -2.75
CA GLY A 58 7.67 -11.59 -2.43
C GLY A 58 9.05 -11.82 -3.05
N SER A 59 9.49 -10.90 -3.89
CA SER A 59 10.80 -11.04 -4.55
C SER A 59 11.93 -10.65 -3.62
N VAL A 60 12.40 -11.58 -2.81
CA VAL A 60 13.46 -11.26 -1.88
C VAL A 60 14.71 -12.05 -2.17
N PRO A 61 15.87 -11.55 -1.72
CA PRO A 61 17.16 -12.22 -1.94
C PRO A 61 17.27 -13.55 -1.18
N ARG A 62 16.47 -13.68 -0.15
CA ARG A 62 16.50 -14.88 0.66
C ARG A 62 15.40 -14.74 1.70
N LYS A 63 14.78 -15.86 2.07
CA LYS A 63 13.74 -15.80 3.07
C LYS A 63 14.37 -15.41 4.40
N GLY A 64 13.75 -14.46 5.09
CA GLY A 64 14.27 -14.02 6.37
C GLY A 64 15.62 -13.30 6.27
N ALA A 65 15.91 -12.72 5.11
CA ALA A 65 17.17 -11.99 4.91
C ALA A 65 17.23 -10.78 5.84
N THR A 66 18.43 -10.38 6.25
CA THR A 66 18.59 -9.25 7.14
C THR A 66 18.71 -7.95 6.37
N ALA A 67 18.59 -6.83 7.09
CA ALA A 67 18.69 -5.52 6.46
C ALA A 67 19.99 -5.38 5.66
N LYS A 68 21.09 -5.90 6.19
CA LYS A 68 22.37 -5.82 5.48
C LYS A 68 22.36 -6.63 4.20
N GLU A 69 21.69 -7.78 4.22
CA GLU A 69 21.62 -8.62 3.03
C GLU A 69 20.94 -7.86 1.91
N TRP A 70 19.93 -7.08 2.25
CA TRP A 70 19.24 -6.30 1.25
C TRP A 70 20.18 -5.21 0.74
N GLN A 71 20.82 -4.51 1.66
CA GLN A 71 21.75 -3.45 1.29
C GLN A 71 22.80 -4.00 0.33
N ASP A 72 23.34 -5.18 0.66
CA ASP A 72 24.36 -5.79 -0.19
C ASP A 72 23.82 -6.07 -1.58
N MET A 73 22.59 -6.58 -1.65
CA MET A 73 21.98 -6.90 -2.93
C MET A 73 21.79 -5.63 -3.76
N VAL A 74 21.22 -4.60 -3.15
CA VAL A 74 20.99 -3.36 -3.87
C VAL A 74 22.31 -2.78 -4.36
N ASP A 75 23.30 -2.71 -3.47
CA ASP A 75 24.60 -2.18 -3.80
C ASP A 75 25.27 -2.95 -4.94
N GLY A 76 25.08 -4.27 -4.95
CA GLY A 76 25.66 -5.09 -5.99
C GLY A 76 25.15 -4.64 -7.34
N PHE A 77 23.84 -4.46 -7.44
CA PHE A 77 23.23 -4.00 -8.69
C PHE A 77 23.69 -2.59 -9.02
N GLN A 78 23.86 -1.75 -8.00
CA GLN A 78 24.29 -0.37 -8.23
C GLN A 78 25.72 -0.30 -8.79
N LYS A 79 26.66 -1.04 -8.19
CA LYS A 79 28.05 -1.04 -8.67
C LYS A 79 28.08 -1.30 -10.18
N ALA A 80 27.26 -2.24 -10.61
CA ALA A 80 27.19 -2.59 -12.02
C ALA A 80 26.74 -1.38 -12.83
N CYS A 81 25.71 -0.69 -12.36
CA CYS A 81 25.21 0.47 -13.09
C CYS A 81 26.19 1.63 -13.07
N MET A 82 26.81 1.86 -11.92
CA MET A 82 27.77 2.97 -11.80
C MET A 82 29.00 2.75 -12.67
N SER A 83 29.19 1.53 -13.17
CA SER A 83 30.36 1.25 -14.01
C SER A 83 30.14 1.56 -15.48
N THR A 84 28.92 1.94 -15.85
CA THR A 84 28.66 2.28 -17.25
C THR A 84 29.48 3.49 -17.63
N ARG A 85 29.48 3.81 -18.92
CA ARG A 85 30.23 4.95 -19.44
C ARG A 85 29.86 6.25 -18.73
N LEU A 86 28.57 6.48 -18.53
CA LEU A 86 28.10 7.70 -17.88
C LEU A 86 27.91 7.51 -16.37
N GLY A 87 27.90 6.26 -15.94
CA GLY A 87 27.74 5.93 -14.53
C GLY A 87 26.47 6.46 -13.90
N ILE A 88 25.35 6.26 -14.57
CA ILE A 88 24.06 6.72 -14.07
C ILE A 88 23.52 5.70 -13.09
N PRO A 89 23.41 6.08 -11.80
CA PRO A 89 22.89 5.18 -10.77
C PRO A 89 21.45 4.77 -11.00
N MET A 90 21.13 3.54 -10.64
CA MET A 90 19.79 3.04 -10.79
C MET A 90 18.95 3.35 -9.55
N ILE A 91 17.64 3.39 -9.71
CA ILE A 91 16.75 3.64 -8.59
C ILE A 91 16.00 2.33 -8.36
N TYR A 92 16.13 1.78 -7.15
CA TYR A 92 15.48 0.51 -6.83
C TYR A 92 14.11 0.78 -6.24
N GLY A 93 13.10 0.13 -6.81
CA GLY A 93 11.74 0.33 -6.34
C GLY A 93 11.14 -0.89 -5.69
N ILE A 94 10.21 -0.67 -4.76
CA ILE A 94 9.56 -1.76 -4.06
C ILE A 94 8.18 -1.35 -3.53
N ASP A 95 7.38 -2.35 -3.18
CA ASP A 95 6.05 -2.10 -2.64
C ASP A 95 6.03 -2.03 -1.13
N ALA A 96 6.41 -0.89 -0.59
CA ALA A 96 6.37 -0.67 0.85
C ALA A 96 5.04 0.06 1.03
N VAL A 97 3.94 -0.68 0.92
CA VAL A 97 2.61 -0.10 1.02
C VAL A 97 2.07 0.08 2.44
N HIS A 98 2.64 -0.63 3.42
CA HIS A 98 2.26 -0.48 4.82
C HIS A 98 3.45 -0.92 5.67
N GLY A 99 4.58 -0.29 5.37
CA GLY A 99 5.84 -0.56 6.02
C GLY A 99 6.69 -1.20 4.94
N GLN A 100 7.91 -1.59 5.26
CA GLN A 100 8.78 -2.25 4.28
C GLN A 100 8.30 -3.72 4.36
N ASN A 101 7.04 -3.92 4.00
CA ASN A 101 6.36 -5.21 4.07
C ASN A 101 6.90 -6.48 3.40
N ASN A 102 7.80 -6.37 2.43
CA ASN A 102 8.35 -7.57 1.79
C ASN A 102 9.48 -8.10 2.67
N VAL A 103 10.13 -7.18 3.39
CA VAL A 103 11.25 -7.46 4.26
C VAL A 103 10.88 -8.09 5.59
N TYR A 104 11.59 -9.17 5.94
CA TYR A 104 11.38 -9.90 7.18
C TYR A 104 11.82 -9.02 8.34
N GLY A 105 11.06 -9.07 9.43
CA GLY A 105 11.41 -8.27 10.60
C GLY A 105 11.03 -6.82 10.47
N ALA A 106 10.49 -6.42 9.32
CA ALA A 106 10.09 -5.03 9.12
C ALA A 106 8.76 -4.74 9.79
N THR A 107 8.60 -3.52 10.30
CA THR A 107 7.38 -3.10 10.96
C THR A 107 6.22 -3.12 9.98
N ILE A 108 5.12 -3.77 10.35
CA ILE A 108 3.96 -3.82 9.48
C ILE A 108 2.87 -2.93 10.05
N PHE A 109 2.56 -1.87 9.32
CA PHE A 109 1.55 -0.90 9.75
C PHE A 109 0.16 -1.31 9.28
N PRO A 110 -0.88 -0.72 9.87
CA PRO A 110 -2.25 -1.07 9.46
C PRO A 110 -2.41 -0.70 7.98
N HIS A 111 -3.17 -1.50 7.24
CA HIS A 111 -3.41 -1.20 5.83
C HIS A 111 -4.25 0.08 5.71
N ASN A 112 -4.19 0.73 4.55
CA ASN A 112 -4.92 1.98 4.33
C ASN A 112 -6.36 2.14 4.81
N VAL A 113 -7.22 1.16 4.58
CA VAL A 113 -8.61 1.30 5.00
C VAL A 113 -8.69 1.57 6.51
N GLY A 114 -7.80 0.92 7.26
CA GLY A 114 -7.78 1.12 8.69
C GLY A 114 -7.27 2.50 8.99
N LEU A 115 -6.28 2.95 8.22
CA LEU A 115 -5.74 4.27 8.44
C LEU A 115 -6.78 5.35 8.15
N GLY A 116 -7.70 5.05 7.24
CA GLY A 116 -8.72 6.02 6.93
C GLY A 116 -9.64 6.18 8.11
N ALA A 117 -9.83 5.11 8.86
CA ALA A 117 -10.71 5.11 10.03
C ALA A 117 -10.21 6.01 11.14
N THR A 118 -8.94 6.39 11.09
CA THR A 118 -8.37 7.22 12.14
C THR A 118 -8.57 8.71 11.91
N ARG A 119 -8.85 9.10 10.67
CA ARG A 119 -9.05 10.50 10.31
C ARG A 119 -7.90 11.36 10.86
N ASP A 120 -6.73 10.75 11.02
CA ASP A 120 -5.56 11.46 11.54
C ASP A 120 -4.45 11.52 10.50
N PRO A 121 -4.49 12.54 9.62
CA PRO A 121 -3.46 12.66 8.60
C PRO A 121 -2.03 12.75 9.13
N TYR A 122 -1.84 13.43 10.26
CA TYR A 122 -0.51 13.55 10.83
C TYR A 122 0.08 12.18 11.20
N LEU A 123 -0.78 11.29 11.68
CA LEU A 123 -0.36 9.94 12.04
C LEU A 123 0.15 9.26 10.77
N VAL A 124 -0.67 9.28 9.73
CA VAL A 124 -0.29 8.69 8.46
C VAL A 124 1.01 9.32 7.99
N LYS A 125 1.19 10.61 8.22
CA LYS A 125 2.44 11.25 7.81
C LYS A 125 3.61 10.63 8.56
N ARG A 126 3.44 10.40 9.85
CA ARG A 126 4.49 9.82 10.67
C ARG A 126 4.82 8.38 10.28
N ILE A 127 3.83 7.69 9.73
CA ILE A 127 4.01 6.31 9.26
C ILE A 127 4.88 6.38 8.01
N GLY A 128 4.65 7.40 7.18
CA GLY A 128 5.42 7.57 5.97
C GLY A 128 6.87 7.83 6.32
N GLU A 129 7.10 8.54 7.42
CA GLU A 129 8.46 8.85 7.84
C GLU A 129 9.14 7.57 8.31
N ALA A 130 8.45 6.84 9.19
CA ALA A 130 8.99 5.60 9.71
C ALA A 130 9.25 4.66 8.56
N THR A 131 8.32 4.59 7.61
CA THR A 131 8.46 3.72 6.45
C THR A 131 9.68 4.05 5.62
N ALA A 132 9.94 5.34 5.39
CA ALA A 132 11.10 5.75 4.61
C ALA A 132 12.37 5.23 5.26
N LEU A 133 12.49 5.43 6.56
CA LEU A 133 13.66 4.97 7.29
C LEU A 133 13.85 3.46 7.12
N GLU A 134 12.78 2.69 7.29
CA GLU A 134 12.88 1.24 7.16
C GLU A 134 13.15 0.78 5.73
N VAL A 135 12.73 1.56 4.74
CA VAL A 135 13.01 1.19 3.36
C VAL A 135 14.49 1.47 3.09
N ARG A 136 14.98 2.62 3.56
CA ARG A 136 16.40 2.96 3.38
C ARG A 136 17.27 2.02 4.21
N ALA A 137 16.70 1.45 5.27
CA ALA A 137 17.42 0.52 6.13
C ALA A 137 17.85 -0.71 5.32
N THR A 138 17.18 -0.94 4.20
CA THR A 138 17.48 -2.08 3.35
C THR A 138 18.11 -1.61 2.05
N GLY A 139 18.54 -0.35 2.03
CA GLY A 139 19.18 0.17 0.84
C GLY A 139 18.29 0.57 -0.32
N ILE A 140 16.97 0.47 -0.14
CA ILE A 140 16.04 0.84 -1.21
C ILE A 140 15.65 2.31 -1.10
N GLN A 141 15.53 2.97 -2.25
CA GLN A 141 15.24 4.41 -2.30
C GLN A 141 13.92 4.82 -2.96
N TYR A 142 13.04 3.88 -3.27
CA TYR A 142 11.79 4.23 -3.95
C TYR A 142 10.65 3.31 -3.55
N ALA A 143 9.59 3.89 -2.98
CA ALA A 143 8.44 3.11 -2.55
C ALA A 143 7.23 3.38 -3.42
N PHE A 144 6.57 2.30 -3.88
CA PHE A 144 5.38 2.41 -4.72
C PHE A 144 4.15 2.73 -3.88
N ALA A 145 4.20 3.87 -3.21
CA ALA A 145 3.10 4.32 -2.35
C ALA A 145 3.06 5.84 -2.39
N PRO A 146 1.90 6.44 -2.02
CA PRO A 146 0.67 5.80 -1.57
C PRO A 146 -0.29 5.47 -2.67
N CYS A 147 -1.16 4.51 -2.40
CA CYS A 147 -2.20 4.14 -3.34
C CYS A 147 -3.31 5.09 -2.96
N ILE A 148 -3.64 6.04 -3.83
CA ILE A 148 -4.71 6.96 -3.52
C ILE A 148 -5.98 6.65 -4.31
N ALA A 149 -6.25 5.36 -4.48
CA ALA A 149 -7.45 4.95 -5.18
C ALA A 149 -8.63 5.28 -4.26
N VAL A 150 -9.79 5.54 -4.86
CA VAL A 150 -10.99 5.81 -4.09
C VAL A 150 -11.91 4.61 -4.36
N CYS A 151 -11.74 3.55 -3.58
CA CYS A 151 -12.52 2.33 -3.74
C CYS A 151 -13.99 2.62 -3.55
N ARG A 152 -14.79 2.31 -4.57
CA ARG A 152 -16.22 2.55 -4.52
C ARG A 152 -17.08 1.30 -4.49
N ASP A 153 -16.44 0.13 -4.46
CA ASP A 153 -17.16 -1.13 -4.42
C ASP A 153 -16.29 -2.13 -3.66
N PRO A 154 -16.66 -2.44 -2.41
CA PRO A 154 -15.95 -3.37 -1.52
C PRO A 154 -15.56 -4.71 -2.13
N ARG A 155 -16.21 -5.09 -3.23
CA ARG A 155 -15.91 -6.35 -3.88
C ARG A 155 -14.56 -6.30 -4.60
N TRP A 156 -13.92 -5.14 -4.55
CA TRP A 156 -12.61 -4.96 -5.17
C TRP A 156 -11.53 -5.53 -4.25
N GLY A 157 -10.77 -6.49 -4.76
CA GLY A 157 -9.72 -7.11 -3.98
C GLY A 157 -8.69 -6.14 -3.45
N ARG A 158 -8.71 -4.91 -3.95
CA ARG A 158 -7.74 -3.91 -3.50
C ARG A 158 -8.40 -2.79 -2.70
N CYS A 159 -9.60 -3.03 -2.19
CA CYS A 159 -10.29 -1.99 -1.44
C CYS A 159 -9.56 -1.64 -0.15
N TYR A 160 -8.90 -2.61 0.47
CA TYR A 160 -8.18 -2.33 1.70
C TYR A 160 -7.00 -1.37 1.48
N GLU A 161 -6.59 -1.22 0.22
CA GLU A 161 -5.49 -0.33 -0.12
C GLU A 161 -6.01 1.08 -0.38
N SER A 162 -7.31 1.27 -0.22
CA SER A 162 -7.93 2.58 -0.40
C SER A 162 -8.29 3.14 0.98
N TYR A 163 -7.83 4.35 1.26
CA TYR A 163 -8.10 4.98 2.54
C TYR A 163 -9.59 5.10 2.77
N SER A 164 -10.35 5.46 1.74
CA SER A 164 -11.79 5.64 1.89
C SER A 164 -12.56 5.68 0.59
N GLU A 165 -13.88 5.63 0.69
CA GLU A 165 -14.75 5.69 -0.50
C GLU A 165 -15.06 7.15 -0.74
N ASP A 166 -14.67 7.97 0.23
CA ASP A 166 -14.87 9.41 0.19
C ASP A 166 -13.53 10.03 -0.17
N ARG A 167 -13.46 10.66 -1.34
CA ARG A 167 -12.20 11.27 -1.77
C ARG A 167 -11.65 12.34 -0.84
N ARG A 168 -12.52 13.00 -0.08
CA ARG A 168 -12.04 14.02 0.83
C ARG A 168 -11.13 13.40 1.88
N ILE A 169 -11.39 12.13 2.22
CA ILE A 169 -10.55 11.43 3.20
C ILE A 169 -9.25 10.98 2.51
N VAL A 170 -9.38 10.48 1.29
CA VAL A 170 -8.22 10.05 0.54
C VAL A 170 -7.30 11.24 0.33
N GLN A 171 -7.87 12.41 0.09
CA GLN A 171 -7.07 13.60 -0.11
C GLN A 171 -6.27 13.91 1.16
N SER A 172 -6.96 13.95 2.29
CA SER A 172 -6.29 14.25 3.56
C SER A 172 -5.14 13.30 3.85
N MET A 173 -5.24 12.06 3.38
CA MET A 173 -4.20 11.06 3.63
C MET A 173 -2.99 11.14 2.71
N THR A 174 -2.99 12.05 1.74
CA THR A 174 -1.83 12.18 0.86
C THR A 174 -0.64 12.67 1.67
N GLU A 175 -0.84 12.92 2.96
CA GLU A 175 0.23 13.39 3.83
C GLU A 175 1.29 12.32 3.95
N LEU A 176 0.98 11.12 3.50
CA LEU A 176 1.95 10.04 3.55
C LEU A 176 3.14 10.46 2.69
N ILE A 177 2.86 11.14 1.59
CA ILE A 177 3.90 11.59 0.67
C ILE A 177 5.00 12.42 1.34
N PRO A 178 4.65 13.51 2.04
CA PRO A 178 5.69 14.31 2.69
C PRO A 178 6.41 13.52 3.78
N GLY A 179 5.73 12.49 4.29
CA GLY A 179 6.34 11.66 5.31
C GLY A 179 7.45 10.86 4.68
N LEU A 180 7.14 10.22 3.55
CA LEU A 180 8.10 9.42 2.81
C LEU A 180 9.20 10.25 2.17
N GLN A 181 8.81 11.30 1.46
CA GLN A 181 9.77 12.14 0.75
C GLN A 181 10.35 13.31 1.53
N GLY A 182 9.60 13.82 2.50
CA GLY A 182 10.05 14.97 3.26
C GLY A 182 9.22 16.16 2.83
N ASP A 183 9.13 17.18 3.67
CA ASP A 183 8.35 18.36 3.34
C ASP A 183 8.99 19.21 2.26
N VAL A 184 8.18 19.69 1.33
CA VAL A 184 8.65 20.52 0.24
C VAL A 184 8.86 21.95 0.74
N PRO A 185 9.88 22.64 0.20
CA PRO A 185 10.23 24.02 0.53
C PRO A 185 9.03 24.96 0.37
N LYS A 186 9.06 26.07 1.10
CA LYS A 186 7.97 27.03 1.06
C LYS A 186 7.67 27.60 -0.32
N ASP A 187 8.69 27.69 -1.16
CA ASP A 187 8.53 28.21 -2.51
C ASP A 187 7.82 27.19 -3.41
N PHE A 188 8.41 26.00 -3.49
CA PHE A 188 7.94 24.87 -4.28
C PHE A 188 6.75 25.01 -5.23
N THR A 189 6.94 24.55 -6.46
CA THR A 189 5.89 24.59 -7.48
C THR A 189 5.12 23.26 -7.54
N SER A 190 3.80 23.34 -7.58
CA SER A 190 2.99 22.12 -7.65
C SER A 190 3.35 21.36 -8.91
N GLY A 191 3.72 20.09 -8.74
CA GLY A 191 4.05 19.28 -9.90
C GLY A 191 5.52 18.93 -9.99
N MET A 192 6.38 19.66 -9.29
CA MET A 192 7.80 19.35 -9.33
C MET A 192 8.04 18.16 -8.41
N PRO A 193 9.08 17.35 -8.70
CA PRO A 193 9.38 16.18 -7.87
C PRO A 193 10.17 16.64 -6.65
N PHE A 194 10.16 15.84 -5.59
CA PHE A 194 10.90 16.19 -4.39
C PHE A 194 11.23 14.99 -3.53
N VAL A 195 12.39 15.06 -2.88
CA VAL A 195 12.89 14.04 -1.96
C VAL A 195 13.96 14.79 -1.19
N ALA A 196 13.82 14.86 0.13
CA ALA A 196 14.76 15.56 0.99
C ALA A 196 16.19 15.09 0.88
N GLY A 197 16.42 13.79 1.05
CA GLY A 197 17.77 13.30 0.97
C GLY A 197 17.90 11.80 1.12
N LYS A 198 19.12 11.36 1.41
CA LYS A 198 19.39 9.94 1.55
C LYS A 198 18.58 9.22 2.64
N ASN A 199 17.88 9.98 3.47
CA ASN A 199 17.09 9.37 4.54
C ASN A 199 15.60 9.35 4.23
N LYS A 200 15.26 9.79 3.02
CA LYS A 200 13.89 9.80 2.55
C LYS A 200 13.83 8.93 1.30
N VAL A 201 12.64 8.72 0.79
CA VAL A 201 12.50 7.92 -0.41
C VAL A 201 11.52 8.59 -1.36
N ALA A 202 11.68 8.32 -2.65
CA ALA A 202 10.79 8.86 -3.65
C ALA A 202 9.50 8.08 -3.48
N ALA A 203 8.37 8.77 -3.57
CA ALA A 203 7.06 8.14 -3.42
C ALA A 203 6.41 7.94 -4.77
N CYS A 204 5.23 7.31 -4.77
CA CYS A 204 4.49 7.04 -6.01
C CYS A 204 2.98 7.13 -5.81
N ALA A 205 2.32 8.01 -6.56
CA ALA A 205 0.87 8.15 -6.46
C ALA A 205 0.25 7.22 -7.48
N LYS A 206 -0.47 6.20 -7.02
CA LYS A 206 -1.07 5.21 -7.90
C LYS A 206 -2.53 4.89 -7.56
N HIS A 207 -3.31 4.38 -8.51
CA HIS A 207 -2.94 4.11 -9.90
C HIS A 207 -3.75 5.04 -10.80
N PHE A 208 -3.05 5.96 -11.46
CA PHE A 208 -3.67 6.95 -12.34
C PHE A 208 -4.40 6.29 -13.51
N VAL A 209 -5.73 6.39 -13.59
CA VAL A 209 -6.64 7.06 -12.65
C VAL A 209 -8.00 6.36 -12.67
N GLY A 210 -8.67 6.33 -11.52
CA GLY A 210 -9.98 5.68 -11.44
C GLY A 210 -9.91 4.19 -11.18
N ASP A 211 -8.80 3.71 -10.65
CA ASP A 211 -8.65 2.30 -10.36
C ASP A 211 -9.64 1.82 -9.31
N GLY A 212 -10.09 2.74 -8.48
CA GLY A 212 -11.04 2.38 -7.44
C GLY A 212 -12.49 2.60 -7.87
N GLY A 213 -12.73 2.64 -9.18
CA GLY A 213 -14.07 2.83 -9.67
C GLY A 213 -14.48 1.87 -10.76
N THR A 214 -13.94 0.66 -10.75
CA THR A 214 -14.30 -0.34 -11.77
C THR A 214 -15.66 -0.95 -11.50
N VAL A 215 -16.37 -1.30 -12.56
CA VAL A 215 -17.69 -1.92 -12.47
C VAL A 215 -17.63 -3.21 -11.64
N ASP A 216 -18.53 -3.31 -10.65
CA ASP A 216 -18.63 -4.48 -9.77
C ASP A 216 -17.33 -4.75 -9.01
N GLY A 217 -16.49 -3.72 -8.90
CA GLY A 217 -15.23 -3.85 -8.20
C GLY A 217 -14.30 -4.88 -8.80
N ILE A 218 -14.48 -5.15 -10.09
CA ILE A 218 -13.64 -6.12 -10.76
C ILE A 218 -12.29 -5.44 -10.99
N ASN A 219 -11.23 -6.06 -10.49
CA ASN A 219 -9.87 -5.51 -10.61
C ASN A 219 -9.37 -5.39 -12.05
N GLU A 220 -8.66 -4.31 -12.33
CA GLU A 220 -8.10 -4.06 -13.66
C GLU A 220 -9.16 -3.92 -14.74
N ASN A 221 -10.42 -3.76 -14.34
CA ASN A 221 -11.50 -3.65 -15.33
C ASN A 221 -11.82 -2.22 -15.77
N ASN A 222 -13.05 -2.01 -16.24
CA ASN A 222 -13.47 -0.70 -16.75
C ASN A 222 -14.20 0.20 -15.74
N THR A 223 -13.88 1.48 -15.80
CA THR A 223 -14.50 2.48 -14.93
C THR A 223 -15.43 3.33 -15.82
N ILE A 224 -16.70 2.96 -15.83
CA ILE A 224 -17.72 3.65 -16.61
C ILE A 224 -18.30 4.81 -15.82
N ILE A 225 -17.94 6.03 -16.22
CA ILE A 225 -18.41 7.22 -15.52
C ILE A 225 -18.01 8.49 -16.29
N ASN A 226 -18.90 9.48 -16.28
CA ASN A 226 -18.65 10.74 -16.97
C ASN A 226 -17.36 11.40 -16.46
N ARG A 227 -16.85 12.35 -17.23
CA ARG A 227 -15.63 13.05 -16.88
C ARG A 227 -15.78 13.85 -15.59
N GLU A 228 -17.00 14.27 -15.30
CA GLU A 228 -17.27 15.03 -14.07
C GLU A 228 -16.99 14.15 -12.85
N GLY A 229 -17.50 12.92 -12.88
CA GLY A 229 -17.29 12.00 -11.79
C GLY A 229 -15.84 11.59 -11.67
N LEU A 230 -15.20 11.40 -12.81
CA LEU A 230 -13.79 11.02 -12.87
C LEU A 230 -12.98 12.08 -12.14
N MET A 231 -13.31 13.34 -12.40
CA MET A 231 -12.61 14.48 -11.82
C MET A 231 -13.10 14.86 -10.43
N ASN A 232 -14.34 14.48 -10.12
CA ASN A 232 -14.92 14.82 -8.83
C ASN A 232 -14.56 13.79 -7.77
N ILE A 233 -14.46 12.54 -8.19
CA ILE A 233 -14.15 11.45 -7.28
C ILE A 233 -12.74 10.88 -7.37
N HIS A 234 -12.36 10.39 -8.54
CA HIS A 234 -11.05 9.75 -8.67
C HIS A 234 -9.82 10.61 -8.97
N MET A 235 -10.02 11.86 -9.35
CA MET A 235 -8.87 12.71 -9.69
C MET A 235 -8.32 13.64 -8.60
N PRO A 236 -9.18 14.23 -7.77
CA PRO A 236 -8.73 15.15 -6.70
C PRO A 236 -7.41 14.89 -5.95
N ALA A 237 -7.26 13.71 -5.37
CA ALA A 237 -6.06 13.38 -4.60
C ALA A 237 -4.74 13.58 -5.36
N TYR A 238 -4.78 13.42 -6.68
CA TYR A 238 -3.58 13.58 -7.49
C TYR A 238 -3.09 15.03 -7.46
N LYS A 239 -4.01 15.97 -7.38
CA LYS A 239 -3.65 17.38 -7.32
C LYS A 239 -2.92 17.63 -5.99
N ASN A 240 -3.41 17.00 -4.92
CA ASN A 240 -2.79 17.14 -3.61
C ASN A 240 -1.39 16.54 -3.68
N ALA A 241 -1.28 15.45 -4.43
CA ALA A 241 0.01 14.77 -4.61
C ALA A 241 0.95 15.71 -5.34
N MET A 242 0.43 16.43 -6.34
CA MET A 242 1.25 17.38 -7.09
C MET A 242 1.74 18.47 -6.14
N ASP A 243 0.82 19.08 -5.39
CA ASP A 243 1.18 20.13 -4.45
C ASP A 243 2.20 19.69 -3.42
N LYS A 244 2.16 18.43 -3.03
CA LYS A 244 3.08 17.93 -2.03
C LYS A 244 4.37 17.37 -2.64
N GLY A 245 4.49 17.54 -3.96
CA GLY A 245 5.69 17.10 -4.66
C GLY A 245 5.95 15.61 -4.83
N VAL A 246 4.92 14.83 -5.14
CA VAL A 246 5.12 13.40 -5.32
C VAL A 246 6.11 13.21 -6.49
N SER A 247 7.06 12.30 -6.32
CA SER A 247 8.07 12.08 -7.35
C SER A 247 7.67 11.29 -8.58
N THR A 248 6.75 10.34 -8.42
CA THR A 248 6.31 9.56 -9.58
C THR A 248 4.82 9.26 -9.51
N VAL A 249 4.29 8.77 -10.61
CA VAL A 249 2.89 8.40 -10.71
C VAL A 249 2.84 7.12 -11.52
N MET A 250 2.14 6.11 -10.99
CA MET A 250 2.04 4.85 -11.69
C MET A 250 0.68 4.80 -12.39
N ILE A 251 0.65 4.26 -13.60
CA ILE A 251 -0.60 4.16 -14.35
C ILE A 251 -1.36 2.91 -13.94
N SER A 252 -2.68 2.98 -14.07
CA SER A 252 -3.58 1.88 -13.69
C SER A 252 -3.82 0.86 -14.80
N TYR A 253 -4.02 -0.39 -14.42
CA TYR A 253 -4.31 -1.44 -15.41
C TYR A 253 -5.69 -1.13 -15.99
N SER A 254 -6.52 -0.52 -15.16
CA SER A 254 -7.90 -0.19 -15.52
C SER A 254 -8.09 0.76 -16.70
N SER A 255 -9.28 0.69 -17.28
CA SER A 255 -9.63 1.55 -18.41
C SER A 255 -10.65 2.57 -17.93
N TRP A 256 -10.85 3.62 -18.72
CA TRP A 256 -11.81 4.66 -18.41
C TRP A 256 -12.72 4.87 -19.61
N ASN A 257 -13.91 4.29 -19.54
CA ASN A 257 -14.87 4.38 -20.63
C ASN A 257 -14.25 3.68 -21.85
N GLY A 258 -13.90 2.41 -21.66
CA GLY A 258 -13.34 1.61 -22.73
C GLY A 258 -11.88 1.84 -23.12
N VAL A 259 -11.29 2.96 -22.69
CA VAL A 259 -9.88 3.24 -23.03
C VAL A 259 -8.88 2.83 -21.95
N LYS A 260 -7.84 2.10 -22.36
CA LYS A 260 -6.79 1.64 -21.44
C LYS A 260 -5.97 2.83 -20.95
N MET A 261 -5.81 2.96 -19.63
CA MET A 261 -5.02 4.07 -19.08
C MET A 261 -3.58 4.06 -19.64
N HIS A 262 -3.01 2.87 -19.82
CA HIS A 262 -1.66 2.73 -20.34
C HIS A 262 -1.55 3.16 -21.81
N ALA A 263 -2.65 3.67 -22.36
CA ALA A 263 -2.67 4.12 -23.75
C ALA A 263 -3.41 5.46 -23.88
N ASN A 264 -3.94 5.95 -22.76
CA ASN A 264 -4.69 7.20 -22.77
C ASN A 264 -3.79 8.43 -22.72
N GLN A 265 -3.49 8.97 -23.90
CA GLN A 265 -2.64 10.15 -24.02
C GLN A 265 -3.28 11.41 -23.44
N ASP A 266 -4.61 11.51 -23.57
CA ASP A 266 -5.35 12.67 -23.08
C ASP A 266 -5.16 12.93 -21.59
N LEU A 267 -5.29 11.87 -20.80
CA LEU A 267 -5.15 11.95 -19.35
C LEU A 267 -3.70 11.99 -18.89
N VAL A 268 -2.91 11.05 -19.36
CA VAL A 268 -1.50 10.97 -18.96
C VAL A 268 -0.69 12.20 -19.39
N THR A 269 -0.64 12.48 -20.69
CA THR A 269 0.12 13.64 -21.16
C THR A 269 -0.68 14.94 -21.08
N GLY A 270 -1.87 14.94 -21.65
CA GLY A 270 -2.70 16.12 -21.65
C GLY A 270 -3.08 16.64 -20.28
N TYR A 271 -3.61 15.77 -19.43
CA TYR A 271 -4.04 16.21 -18.11
C TYR A 271 -2.95 16.20 -17.05
N LEU A 272 -2.44 15.00 -16.73
CA LEU A 272 -1.40 14.85 -15.71
C LEU A 272 -0.15 15.66 -15.98
N LYS A 273 0.39 15.57 -17.19
CA LYS A 273 1.59 16.31 -17.49
C LYS A 273 1.36 17.77 -17.83
N ASP A 274 0.54 18.04 -18.84
CA ASP A 274 0.32 19.43 -19.25
C ASP A 274 -0.56 20.24 -18.31
N THR A 275 -1.79 19.81 -18.08
CA THR A 275 -2.69 20.53 -17.20
C THR A 275 -2.15 20.63 -15.77
N LEU A 276 -1.97 19.48 -15.13
CA LEU A 276 -1.49 19.42 -13.74
C LEU A 276 -0.01 19.76 -13.59
N LYS A 277 0.72 19.82 -14.70
CA LYS A 277 2.14 20.18 -14.69
C LYS A 277 3.05 19.24 -13.91
N PHE A 278 2.75 17.95 -13.93
CA PHE A 278 3.57 16.97 -13.23
C PHE A 278 4.91 16.91 -13.95
N LYS A 279 6.00 17.04 -13.19
CA LYS A 279 7.34 17.03 -13.75
C LYS A 279 8.21 15.84 -13.27
N GLY A 280 7.60 14.93 -12.53
CA GLY A 280 8.35 13.76 -12.08
C GLY A 280 8.19 12.79 -13.21
N PHE A 281 8.42 11.50 -13.00
CA PHE A 281 8.22 10.57 -14.08
C PHE A 281 7.02 9.64 -13.90
N VAL A 282 6.41 9.27 -15.02
CA VAL A 282 5.26 8.39 -15.02
C VAL A 282 5.75 6.96 -15.30
N ILE A 283 5.35 6.04 -14.44
CA ILE A 283 5.77 4.65 -14.58
C ILE A 283 4.56 3.75 -14.81
N SER A 284 4.75 2.65 -15.52
CA SER A 284 3.67 1.72 -15.80
C SER A 284 3.50 0.77 -14.61
N ASP A 285 2.58 -0.18 -14.74
CA ASP A 285 2.38 -1.16 -13.69
C ASP A 285 2.95 -2.46 -14.25
N TRP A 286 3.02 -3.48 -13.41
CA TRP A 286 3.57 -4.77 -13.80
C TRP A 286 2.94 -5.29 -15.08
N GLU A 287 3.68 -5.19 -16.18
CA GLU A 287 3.22 -5.64 -17.49
C GLU A 287 1.95 -4.91 -17.89
N GLY A 288 1.86 -3.65 -17.46
CA GLY A 288 0.70 -2.84 -17.77
C GLY A 288 0.51 -2.61 -19.26
N ILE A 289 1.59 -2.41 -19.99
CA ILE A 289 1.51 -2.20 -21.44
C ILE A 289 1.15 -3.49 -22.20
N ASP A 290 1.52 -4.64 -21.64
CA ASP A 290 1.22 -5.94 -22.26
C ASP A 290 -0.29 -6.12 -22.29
N ARG A 291 -0.93 -5.63 -21.23
CA ARG A 291 -2.36 -5.76 -21.05
C ARG A 291 -3.17 -4.73 -21.83
N ILE A 292 -2.50 -3.85 -22.58
CA ILE A 292 -3.21 -2.87 -23.37
C ILE A 292 -3.97 -3.63 -24.44
N THR A 293 -3.37 -4.70 -24.94
CA THR A 293 -3.97 -5.55 -25.97
C THR A 293 -4.55 -6.80 -25.32
N THR A 294 -5.52 -7.41 -25.99
CA THR A 294 -6.15 -8.62 -25.49
C THR A 294 -6.31 -9.64 -26.61
N PRO A 295 -5.70 -10.83 -26.45
CA PRO A 295 -4.88 -11.28 -25.31
C PRO A 295 -3.75 -10.31 -24.95
N ALA A 296 -3.26 -10.42 -23.72
CA ALA A 296 -2.18 -9.55 -23.26
C ALA A 296 -0.92 -9.95 -24.00
N GLY A 297 -0.14 -8.96 -24.43
CA GLY A 297 1.10 -9.26 -25.14
C GLY A 297 0.93 -9.74 -26.56
N SER A 298 -0.31 -9.84 -27.02
CA SER A 298 -0.57 -10.31 -28.38
C SER A 298 0.02 -9.40 -29.44
N ASP A 299 0.45 -8.20 -29.04
CA ASP A 299 1.05 -7.24 -29.97
C ASP A 299 1.95 -6.30 -29.15
N TYR A 300 3.00 -6.87 -28.58
CA TYR A 300 3.92 -6.09 -27.76
C TYR A 300 4.44 -4.84 -28.45
N SER A 301 4.62 -4.92 -29.76
CA SER A 301 5.10 -3.79 -30.54
C SER A 301 4.09 -2.66 -30.40
N TYR A 302 2.81 -2.98 -30.56
CA TYR A 302 1.75 -1.98 -30.42
C TYR A 302 1.73 -1.47 -28.98
N SER A 303 1.92 -2.39 -28.03
CA SER A 303 1.93 -2.04 -26.61
C SER A 303 2.98 -1.00 -26.28
N VAL A 304 4.19 -1.16 -26.82
CA VAL A 304 5.27 -0.22 -26.57
C VAL A 304 4.99 1.13 -27.20
N LYS A 305 4.54 1.10 -28.44
CA LYS A 305 4.22 2.31 -29.19
C LYS A 305 3.12 3.13 -28.51
N ALA A 306 2.00 2.45 -28.22
CA ALA A 306 0.85 3.08 -27.59
C ALA A 306 1.14 3.70 -26.23
N SER A 307 1.82 2.94 -25.37
CA SER A 307 2.15 3.42 -24.03
C SER A 307 3.14 4.57 -24.01
N ILE A 308 4.20 4.46 -24.81
CA ILE A 308 5.21 5.52 -24.84
C ILE A 308 4.65 6.79 -25.47
N LEU A 309 3.92 6.65 -26.58
CA LEU A 309 3.34 7.82 -27.23
C LEU A 309 2.29 8.46 -26.33
N ALA A 310 1.65 7.64 -25.50
CA ALA A 310 0.64 8.11 -24.57
C ALA A 310 1.28 9.06 -23.57
N GLY A 311 2.54 8.82 -23.21
CA GLY A 311 3.21 9.70 -22.27
C GLY A 311 3.94 9.06 -21.11
N LEU A 312 3.95 7.74 -21.01
CA LEU A 312 4.66 7.09 -19.91
C LEU A 312 6.17 7.26 -20.10
N ASP A 313 6.90 7.44 -19.01
CA ASP A 313 8.35 7.64 -19.08
C ASP A 313 9.19 6.39 -18.75
N MET A 314 8.75 5.62 -17.76
CA MET A 314 9.47 4.40 -17.39
C MET A 314 8.54 3.20 -17.42
N ILE A 315 9.02 2.10 -17.97
CA ILE A 315 8.21 0.89 -18.08
C ILE A 315 8.67 -0.22 -17.14
N MET A 316 7.74 -0.72 -16.36
CA MET A 316 8.02 -1.81 -15.44
C MET A 316 7.80 -3.06 -16.30
N VAL A 317 8.81 -3.40 -17.09
CA VAL A 317 8.71 -4.54 -18.00
C VAL A 317 7.99 -5.78 -17.49
N PRO A 318 8.53 -6.49 -16.49
CA PRO A 318 9.78 -6.29 -15.75
C PRO A 318 10.75 -7.45 -16.01
N ASN A 319 10.43 -8.34 -16.95
CA ASN A 319 11.30 -9.46 -17.22
C ASN A 319 11.96 -9.48 -18.60
N LYS A 320 11.14 -9.42 -19.66
CA LYS A 320 11.68 -9.44 -21.02
C LYS A 320 12.12 -8.05 -21.47
N TYR A 321 13.23 -7.59 -20.91
CA TYR A 321 13.77 -6.28 -21.23
C TYR A 321 14.37 -6.29 -22.64
N GLN A 322 14.86 -7.45 -23.06
CA GLN A 322 15.47 -7.56 -24.38
C GLN A 322 14.43 -7.13 -25.42
N GLN A 323 13.24 -7.72 -25.34
CA GLN A 323 12.16 -7.40 -26.27
C GLN A 323 11.75 -5.94 -26.16
N PHE A 324 11.56 -5.48 -24.93
CA PHE A 324 11.16 -4.09 -24.73
C PHE A 324 12.17 -3.13 -25.34
N ILE A 325 13.44 -3.29 -24.97
CA ILE A 325 14.48 -2.41 -25.49
C ILE A 325 14.67 -2.57 -26.99
N SER A 326 14.49 -3.79 -27.49
CA SER A 326 14.65 -4.05 -28.91
C SER A 326 13.56 -3.34 -29.70
N ILE A 327 12.31 -3.57 -29.33
CA ILE A 327 11.16 -2.98 -30.00
C ILE A 327 11.14 -1.46 -29.96
N LEU A 328 11.38 -0.89 -28.77
CA LEU A 328 11.38 0.56 -28.63
C LEU A 328 12.51 1.19 -29.45
N THR A 329 13.63 0.49 -29.58
CA THR A 329 14.74 1.01 -30.35
C THR A 329 14.32 1.11 -31.82
N GLY A 330 13.67 0.05 -32.31
CA GLY A 330 13.22 0.03 -33.69
C GLY A 330 12.22 1.14 -33.98
N HIS A 331 11.23 1.30 -33.11
CA HIS A 331 10.24 2.35 -33.31
C HIS A 331 10.91 3.71 -33.40
N VAL A 332 11.98 3.91 -32.64
CA VAL A 332 12.70 5.19 -32.69
C VAL A 332 13.52 5.23 -33.98
N ASN A 333 14.32 4.21 -34.21
CA ASN A 333 15.13 4.16 -35.43
C ASN A 333 14.26 4.35 -36.67
N GLY A 334 12.97 4.08 -36.52
CA GLY A 334 12.05 4.21 -37.64
C GLY A 334 11.21 5.46 -37.72
N GLY A 335 11.35 6.36 -36.74
CA GLY A 335 10.57 7.59 -36.77
C GLY A 335 9.15 7.45 -36.23
N VAL A 336 8.77 6.23 -35.84
CA VAL A 336 7.45 5.96 -35.30
C VAL A 336 7.25 6.67 -33.95
N ILE A 337 8.35 6.85 -33.21
CA ILE A 337 8.34 7.53 -31.92
C ILE A 337 9.45 8.58 -32.01
N PRO A 338 9.08 9.87 -31.91
CA PRO A 338 10.09 10.94 -31.99
C PRO A 338 11.06 11.00 -30.82
N MET A 339 12.21 11.60 -31.05
CA MET A 339 13.23 11.72 -30.02
C MET A 339 12.75 12.61 -28.88
N SER A 340 11.86 13.54 -29.18
CA SER A 340 11.34 14.43 -28.15
C SER A 340 10.69 13.60 -27.05
N ARG A 341 9.90 12.59 -27.45
CA ARG A 341 9.22 11.71 -26.52
C ARG A 341 10.24 11.02 -25.62
N ILE A 342 11.25 10.42 -26.25
CA ILE A 342 12.30 9.73 -25.53
C ILE A 342 13.06 10.71 -24.65
N ASP A 343 13.38 11.87 -25.21
CA ASP A 343 14.12 12.90 -24.48
C ASP A 343 13.32 13.42 -23.29
N ASP A 344 12.00 13.46 -23.42
CA ASP A 344 11.16 13.95 -22.33
C ASP A 344 11.18 12.94 -21.19
N ALA A 345 10.93 11.68 -21.53
CA ALA A 345 10.92 10.60 -20.57
C ALA A 345 12.22 10.59 -19.76
N VAL A 346 13.33 10.60 -20.47
CA VAL A 346 14.63 10.59 -19.81
C VAL A 346 14.83 11.84 -18.97
N THR A 347 14.37 12.98 -19.46
CA THR A 347 14.49 14.22 -18.70
C THR A 347 13.83 14.06 -17.32
N ARG A 348 12.60 13.60 -17.33
CA ARG A 348 11.82 13.39 -16.12
C ARG A 348 12.47 12.40 -15.17
N ILE A 349 12.98 11.29 -15.71
CA ILE A 349 13.63 10.27 -14.89
C ILE A 349 14.90 10.80 -14.23
N LEU A 350 15.71 11.52 -15.00
CA LEU A 350 16.97 12.07 -14.49
C LEU A 350 16.68 13.20 -13.50
N ARG A 351 15.64 13.97 -13.76
CA ARG A 351 15.29 15.06 -12.85
C ARG A 351 15.05 14.45 -11.47
N VAL A 352 14.21 13.43 -11.42
CA VAL A 352 13.90 12.76 -10.17
C VAL A 352 15.16 12.22 -9.47
N LYS A 353 16.04 11.56 -10.23
CA LYS A 353 17.26 11.00 -9.67
C LYS A 353 18.22 12.04 -9.09
N PHE A 354 18.41 13.14 -9.82
CA PHE A 354 19.28 14.20 -9.36
C PHE A 354 18.68 14.85 -8.13
N THR A 355 17.39 15.19 -8.23
CA THR A 355 16.68 15.84 -7.15
C THR A 355 16.77 15.09 -5.82
N MET A 356 16.65 13.77 -5.86
CA MET A 356 16.70 12.98 -4.63
C MET A 356 18.10 12.72 -4.14
N GLY A 357 19.09 13.22 -4.89
CA GLY A 357 20.48 13.02 -4.50
C GLY A 357 21.10 11.69 -4.86
N LEU A 358 20.45 10.91 -5.71
CA LEU A 358 20.98 9.60 -6.10
C LEU A 358 22.43 9.63 -6.62
N PHE A 359 22.81 10.69 -7.35
CA PHE A 359 24.17 10.77 -7.88
C PHE A 359 25.19 11.00 -6.78
N GLU A 360 24.75 11.58 -5.67
CA GLU A 360 25.64 11.81 -4.56
C GLU A 360 25.66 10.61 -3.63
N ASN A 361 24.51 9.96 -3.47
CA ASN A 361 24.44 8.80 -2.59
C ASN A 361 23.79 7.57 -3.22
N PRO A 362 24.48 6.98 -4.22
CA PRO A 362 23.98 5.80 -4.93
C PRO A 362 24.01 4.51 -4.12
N TYR A 363 24.80 4.46 -3.06
CA TYR A 363 24.88 3.24 -2.26
C TYR A 363 24.22 3.32 -0.89
N ALA A 364 23.92 2.15 -0.31
CA ALA A 364 23.27 2.06 0.98
C ALA A 364 24.14 2.53 2.15
N ASP A 365 23.50 3.03 3.20
CA ASP A 365 24.22 3.47 4.39
C ASP A 365 24.10 2.34 5.40
N PRO A 366 25.21 1.66 5.68
CA PRO A 366 25.15 0.55 6.64
C PRO A 366 24.57 0.96 7.99
N ALA A 367 24.68 2.25 8.33
CA ALA A 367 24.18 2.73 9.60
C ALA A 367 22.67 2.81 9.69
N MET A 368 21.99 2.62 8.57
CA MET A 368 20.53 2.67 8.52
C MET A 368 19.90 1.31 8.78
N ALA A 369 20.71 0.27 8.72
CA ALA A 369 20.23 -1.09 8.93
C ALA A 369 19.41 -1.26 10.20
N GLU A 370 19.83 -0.60 11.29
CA GLU A 370 19.13 -0.68 12.57
C GLU A 370 17.72 -0.08 12.51
N GLN A 371 17.43 0.72 11.49
CA GLN A 371 16.11 1.32 11.37
C GLN A 371 15.01 0.28 11.14
N LEU A 372 15.36 -0.85 10.54
CA LEU A 372 14.39 -1.89 10.26
C LEU A 372 13.79 -2.47 11.53
N GLY A 373 12.50 -2.26 11.74
CA GLY A 373 11.83 -2.79 12.92
C GLY A 373 12.16 -2.10 14.22
N LYS A 374 12.58 -0.83 14.16
CA LYS A 374 12.92 -0.12 15.37
C LYS A 374 11.66 -0.02 16.23
N GLN A 375 11.82 -0.39 17.51
CA GLN A 375 10.72 -0.38 18.48
C GLN A 375 9.86 0.87 18.38
N GLU A 376 10.48 2.03 18.20
CA GLU A 376 9.69 3.24 18.10
C GLU A 376 8.70 3.14 16.94
N HIS A 377 9.11 2.53 15.84
CA HIS A 377 8.22 2.39 14.70
C HIS A 377 7.07 1.46 15.10
N ARG A 378 7.40 0.39 15.81
CA ARG A 378 6.39 -0.56 16.27
C ARG A 378 5.42 0.14 17.20
N ASP A 379 5.94 1.03 18.05
CA ASP A 379 5.07 1.76 18.96
C ASP A 379 4.15 2.64 18.12
N LEU A 380 4.68 3.22 17.05
CA LEU A 380 3.87 4.06 16.17
C LEU A 380 2.77 3.22 15.53
N ALA A 381 3.15 2.07 14.99
CA ALA A 381 2.20 1.17 14.34
C ALA A 381 1.14 0.75 15.34
N ARG A 382 1.59 0.42 16.55
CA ARG A 382 0.69 0.02 17.61
C ARG A 382 -0.36 1.11 17.79
N GLU A 383 0.08 2.37 17.84
CA GLU A 383 -0.83 3.49 18.00
C GLU A 383 -1.81 3.56 16.84
N ALA A 384 -1.29 3.44 15.61
CA ALA A 384 -2.14 3.49 14.44
C ALA A 384 -3.18 2.36 14.48
N ALA A 385 -2.72 1.16 14.83
CA ALA A 385 -3.60 0.01 14.92
C ALA A 385 -4.78 0.32 15.85
N ARG A 386 -4.46 0.73 17.07
CA ARG A 386 -5.49 1.06 18.07
C ARG A 386 -6.48 2.11 17.55
N LYS A 387 -5.93 3.20 17.01
CA LYS A 387 -6.74 4.30 16.49
C LYS A 387 -7.58 3.96 15.26
N SER A 388 -7.27 2.85 14.61
CA SER A 388 -7.99 2.47 13.41
C SER A 388 -9.18 1.58 13.71
N LEU A 389 -9.25 1.05 14.92
CA LEU A 389 -10.35 0.16 15.29
C LEU A 389 -11.68 0.90 15.32
N VAL A 390 -12.74 0.25 14.87
CA VAL A 390 -14.05 0.88 14.91
C VAL A 390 -14.97 -0.01 15.71
N LEU A 391 -15.46 0.52 16.83
CA LEU A 391 -16.37 -0.22 17.69
C LEU A 391 -17.76 -0.11 17.06
N LEU A 392 -18.34 -1.25 16.70
CA LEU A 392 -19.65 -1.26 16.07
C LEU A 392 -20.76 -1.56 17.05
N LYS A 393 -20.46 -2.38 18.04
CA LYS A 393 -21.44 -2.75 19.03
C LYS A 393 -20.71 -2.89 20.37
N ASN A 394 -21.39 -2.52 21.44
CA ASN A 394 -20.78 -2.63 22.76
C ASN A 394 -21.90 -2.85 23.78
N GLY A 395 -22.56 -3.99 23.66
CA GLY A 395 -23.66 -4.35 24.54
C GLY A 395 -24.83 -4.80 23.69
N LYS A 396 -25.38 -5.98 23.99
CA LYS A 396 -26.50 -6.52 23.24
C LYS A 396 -27.76 -5.69 23.26
N THR A 397 -28.05 -5.01 24.37
CA THR A 397 -29.26 -4.18 24.49
C THR A 397 -28.97 -2.85 25.18
N SER A 398 -29.84 -1.87 24.93
CA SER A 398 -29.71 -0.54 25.50
C SER A 398 -29.48 -0.48 27.00
N THR A 399 -29.81 -1.56 27.71
CA THR A 399 -29.64 -1.55 29.16
C THR A 399 -28.56 -2.49 29.67
N ASP A 400 -27.90 -3.19 28.75
CA ASP A 400 -26.82 -4.09 29.13
C ASP A 400 -25.64 -3.28 29.61
N ALA A 401 -24.82 -3.86 30.48
CA ALA A 401 -23.63 -3.17 30.95
C ALA A 401 -22.65 -3.20 29.78
N PRO A 402 -21.98 -2.07 29.50
CA PRO A 402 -21.03 -2.03 28.39
C PRO A 402 -19.92 -3.06 28.61
N LEU A 403 -19.75 -3.97 27.67
CA LEU A 403 -18.73 -5.00 27.80
C LEU A 403 -17.30 -4.48 27.78
N LEU A 404 -17.00 -3.56 26.86
CA LEU A 404 -15.67 -2.98 26.77
C LEU A 404 -15.71 -1.64 27.51
N PRO A 405 -14.63 -1.28 28.20
CA PRO A 405 -13.35 -2.01 28.36
C PRO A 405 -13.48 -3.24 29.23
N LEU A 406 -12.68 -4.25 28.93
CA LEU A 406 -12.67 -5.50 29.69
C LEU A 406 -11.69 -5.37 30.86
N PRO A 407 -12.01 -5.97 32.00
CA PRO A 407 -11.11 -5.89 33.15
C PRO A 407 -9.81 -6.65 32.88
N LYS A 408 -8.68 -6.07 33.29
CA LYS A 408 -7.40 -6.74 33.06
C LYS A 408 -7.21 -7.87 34.07
N LYS A 409 -7.96 -7.82 35.16
CA LYS A 409 -7.87 -8.84 36.19
C LYS A 409 -9.14 -9.67 36.26
N ALA A 410 -9.02 -10.95 35.92
CA ALA A 410 -10.16 -11.87 35.94
C ALA A 410 -9.64 -13.25 36.28
N PRO A 411 -10.46 -14.08 36.92
CA PRO A 411 -9.99 -15.43 37.26
C PRO A 411 -9.46 -16.24 36.08
N LYS A 412 -10.28 -16.38 35.04
CA LYS A 412 -9.92 -17.18 33.88
C LYS A 412 -10.61 -16.60 32.64
N ILE A 413 -9.86 -16.39 31.55
CA ILE A 413 -10.46 -15.84 30.33
C ILE A 413 -10.16 -16.69 29.10
N LEU A 414 -10.97 -16.51 28.06
CA LEU A 414 -10.81 -17.28 26.82
C LEU A 414 -10.50 -16.48 25.56
N VAL A 415 -9.40 -16.79 24.89
CA VAL A 415 -9.04 -16.14 23.64
C VAL A 415 -9.25 -17.22 22.58
N ALA A 416 -10.04 -16.90 21.56
CA ALA A 416 -10.35 -17.88 20.51
C ALA A 416 -10.54 -17.31 19.12
N GLY A 417 -10.60 -18.19 18.13
CA GLY A 417 -10.79 -17.79 16.75
C GLY A 417 -9.59 -18.01 15.85
N SER A 418 -9.87 -18.13 14.55
CA SER A 418 -8.83 -18.36 13.56
C SER A 418 -7.85 -17.20 13.44
N HIS A 419 -8.27 -16.01 13.86
CA HIS A 419 -7.41 -14.83 13.78
C HIS A 419 -6.86 -14.38 15.13
N ALA A 420 -7.13 -15.14 16.19
CA ALA A 420 -6.66 -14.78 17.51
C ALA A 420 -5.13 -14.90 17.63
N ASP A 421 -4.55 -15.94 17.03
CA ASP A 421 -3.11 -16.16 17.10
C ASP A 421 -2.50 -16.49 15.74
N ASN A 422 -2.73 -15.63 14.76
CA ASN A 422 -2.22 -15.83 13.41
C ASN A 422 -1.72 -14.49 12.84
N LEU A 423 -0.43 -14.22 13.05
CA LEU A 423 0.21 -12.98 12.60
C LEU A 423 0.04 -12.68 11.13
N GLY A 424 0.04 -13.73 10.31
CA GLY A 424 -0.12 -13.54 8.88
C GLY A 424 -1.51 -13.06 8.50
N TYR A 425 -2.53 -13.61 9.15
CA TYR A 425 -3.93 -13.24 8.89
C TYR A 425 -4.14 -11.79 9.32
N GLN A 426 -3.52 -11.45 10.44
CA GLN A 426 -3.57 -10.13 11.06
C GLN A 426 -2.99 -9.02 10.18
N CYS A 427 -1.99 -9.37 9.37
CA CYS A 427 -1.32 -8.42 8.49
C CYS A 427 -1.99 -8.28 7.13
N GLY A 428 -2.55 -9.38 6.62
CA GLY A 428 -3.22 -9.32 5.33
C GLY A 428 -2.26 -9.34 4.15
N GLY A 429 -2.81 -9.14 2.96
CA GLY A 429 -1.99 -9.14 1.75
C GLY A 429 -0.85 -8.15 1.78
N TRP A 430 0.11 -8.34 0.88
CA TRP A 430 1.27 -7.47 0.80
C TRP A 430 2.08 -7.55 2.08
N THR A 431 2.40 -8.76 2.51
CA THR A 431 3.20 -8.95 3.73
C THR A 431 4.04 -10.19 3.56
N ILE A 432 5.36 -9.99 3.44
CA ILE A 432 6.31 -11.08 3.24
C ILE A 432 6.10 -11.66 1.84
N GLU A 433 4.92 -12.25 1.61
CA GLU A 433 4.58 -12.79 0.30
C GLU A 433 3.68 -11.76 -0.35
N TRP A 434 3.48 -11.89 -1.65
CA TRP A 434 2.62 -10.95 -2.37
C TRP A 434 1.20 -11.08 -1.85
N GLN A 435 0.65 -12.29 -1.94
CA GLN A 435 -0.71 -12.56 -1.48
C GLN A 435 -0.83 -12.66 0.05
N GLY A 436 0.24 -12.33 0.76
CA GLY A 436 0.18 -12.44 2.21
C GLY A 436 0.35 -13.89 2.58
N ASP A 437 0.20 -14.23 3.85
CA ASP A 437 0.38 -15.62 4.23
C ASP A 437 -0.26 -15.92 5.57
N THR A 438 -0.28 -17.20 5.90
CA THR A 438 -0.85 -17.66 7.16
C THR A 438 0.28 -17.96 8.14
N GLY A 439 0.00 -17.86 9.43
CA GLY A 439 1.01 -18.16 10.42
C GLY A 439 1.99 -17.06 10.80
N ARG A 440 3.04 -17.46 11.51
CA ARG A 440 4.07 -16.55 11.98
C ARG A 440 5.11 -16.26 10.89
N THR A 441 4.74 -15.43 9.92
CA THR A 441 5.63 -15.09 8.81
C THR A 441 6.62 -13.95 9.06
N THR A 442 6.58 -13.34 10.24
CA THR A 442 7.51 -12.26 10.53
C THR A 442 7.50 -11.93 12.03
N VAL A 443 8.23 -10.89 12.41
CA VAL A 443 8.30 -10.48 13.81
C VAL A 443 7.10 -9.64 14.23
N GLY A 444 6.31 -10.14 15.18
CA GLY A 444 5.14 -9.39 15.62
C GLY A 444 4.49 -9.88 16.89
N THR A 445 3.27 -9.42 17.13
CA THR A 445 2.52 -9.81 18.32
C THR A 445 1.07 -10.06 17.94
N THR A 446 0.62 -11.29 18.10
CA THR A 446 -0.75 -11.64 17.76
C THR A 446 -1.70 -11.19 18.86
N ILE A 447 -3.00 -11.26 18.58
CA ILE A 447 -3.98 -10.86 19.57
C ILE A 447 -3.81 -11.73 20.82
N LEU A 448 -3.58 -13.04 20.65
CA LEU A 448 -3.37 -13.94 21.78
C LEU A 448 -2.16 -13.49 22.59
N GLU A 449 -1.08 -13.17 21.89
CA GLU A 449 0.14 -12.72 22.54
C GLU A 449 -0.09 -11.39 23.28
N ALA A 450 -0.78 -10.47 22.63
CA ALA A 450 -1.08 -9.16 23.22
C ALA A 450 -1.92 -9.28 24.49
N VAL A 451 -2.91 -10.16 24.45
CA VAL A 451 -3.77 -10.39 25.60
C VAL A 451 -2.93 -10.85 26.79
N LYS A 452 -2.09 -11.86 26.56
CA LYS A 452 -1.22 -12.40 27.61
C LYS A 452 -0.28 -11.34 28.18
N ALA A 453 0.09 -10.37 27.33
CA ALA A 453 1.01 -9.32 27.74
C ALA A 453 0.31 -8.17 28.44
N ALA A 454 -1.01 -8.20 28.45
CA ALA A 454 -1.77 -7.12 29.06
C ALA A 454 -2.47 -7.46 30.36
N VAL A 455 -2.94 -8.68 30.49
CA VAL A 455 -3.67 -9.07 31.69
C VAL A 455 -2.83 -9.13 32.96
N ASP A 456 -3.52 -9.12 34.09
CA ASP A 456 -2.90 -9.20 35.40
C ASP A 456 -2.26 -10.58 35.48
N PRO A 457 -1.13 -10.70 36.20
CA PRO A 457 -0.49 -12.02 36.31
C PRO A 457 -1.35 -13.10 36.94
N SER A 458 -2.38 -12.69 37.68
CA SER A 458 -3.26 -13.65 38.34
C SER A 458 -4.30 -14.16 37.36
N THR A 459 -4.46 -13.46 36.25
CA THR A 459 -5.42 -13.84 35.23
C THR A 459 -4.98 -15.01 34.37
N VAL A 460 -5.70 -16.12 34.45
CA VAL A 460 -5.36 -17.28 33.65
C VAL A 460 -5.91 -17.07 32.24
N VAL A 461 -5.05 -17.24 31.24
CA VAL A 461 -5.46 -17.08 29.85
C VAL A 461 -5.45 -18.44 29.16
N VAL A 462 -6.58 -18.80 28.53
CA VAL A 462 -6.70 -20.06 27.83
C VAL A 462 -6.98 -19.83 26.35
N PHE A 463 -6.31 -20.60 25.49
CA PHE A 463 -6.50 -20.45 24.06
C PHE A 463 -7.18 -21.65 23.44
N ALA A 464 -8.12 -21.38 22.54
CA ALA A 464 -8.86 -22.41 21.82
C ALA A 464 -9.13 -21.84 20.45
N GLU A 465 -8.58 -22.44 19.39
CA GLU A 465 -8.80 -21.89 18.05
C GLU A 465 -10.25 -21.97 17.63
N ASN A 466 -10.89 -23.11 17.90
CA ASN A 466 -12.27 -23.30 17.52
C ASN A 466 -12.97 -24.24 18.49
N PRO A 467 -13.21 -23.76 19.72
CA PRO A 467 -13.88 -24.57 20.74
C PRO A 467 -15.36 -24.76 20.42
N ASP A 468 -15.98 -25.76 21.03
CA ASP A 468 -17.41 -25.97 20.79
C ASP A 468 -18.17 -25.32 21.96
N ALA A 469 -19.49 -25.23 21.83
CA ALA A 469 -20.31 -24.60 22.85
C ALA A 469 -20.10 -25.14 24.26
N GLU A 470 -19.97 -26.45 24.39
CA GLU A 470 -19.79 -27.04 25.71
C GLU A 470 -18.48 -26.65 26.38
N PHE A 471 -17.41 -26.58 25.59
CA PHE A 471 -16.10 -26.24 26.12
C PHE A 471 -16.14 -24.86 26.77
N VAL A 472 -16.92 -23.96 26.20
CA VAL A 472 -17.03 -22.61 26.72
C VAL A 472 -17.92 -22.55 27.95
N LYS A 473 -19.10 -23.17 27.89
CA LYS A 473 -20.04 -23.16 29.02
C LYS A 473 -19.48 -23.78 30.30
N SER A 474 -18.66 -24.82 30.18
CA SER A 474 -18.09 -25.45 31.37
C SER A 474 -16.65 -25.02 31.61
N GLY A 475 -16.20 -24.02 30.87
CA GLY A 475 -14.85 -23.53 31.02
C GLY A 475 -14.62 -22.59 32.19
N GLY A 476 -15.70 -22.06 32.75
CA GLY A 476 -15.53 -21.15 33.87
C GLY A 476 -14.82 -19.88 33.46
N PHE A 477 -15.17 -19.35 32.30
CA PHE A 477 -14.57 -18.11 31.80
C PHE A 477 -15.33 -16.90 32.31
N SER A 478 -14.69 -15.74 32.28
CA SER A 478 -15.33 -14.50 32.72
C SER A 478 -15.79 -13.73 31.50
N TYR A 479 -15.07 -13.94 30.39
CA TYR A 479 -15.38 -13.31 29.12
C TYR A 479 -14.47 -13.91 28.05
N ALA A 480 -14.75 -13.61 26.79
CA ALA A 480 -13.92 -14.15 25.73
C ALA A 480 -13.64 -13.13 24.65
N ILE A 481 -12.51 -13.32 23.97
CA ILE A 481 -12.12 -12.46 22.87
C ILE A 481 -11.99 -13.39 21.68
N VAL A 482 -12.85 -13.19 20.68
CA VAL A 482 -12.83 -14.03 19.49
C VAL A 482 -12.46 -13.20 18.28
N ALA A 483 -11.46 -13.66 17.54
CA ALA A 483 -11.01 -12.98 16.36
C ALA A 483 -11.26 -13.87 15.16
N VAL A 484 -11.89 -13.30 14.13
CA VAL A 484 -12.18 -14.04 12.90
C VAL A 484 -12.18 -13.05 11.73
N GLY A 485 -12.27 -13.57 10.51
CA GLY A 485 -12.27 -12.68 9.37
C GLY A 485 -11.78 -13.26 8.06
N GLU A 486 -11.43 -12.37 7.15
CA GLU A 486 -10.93 -12.74 5.83
C GLU A 486 -9.50 -13.27 5.91
N HIS A 487 -9.09 -13.97 4.87
CA HIS A 487 -7.74 -14.47 4.79
C HIS A 487 -6.95 -13.48 3.93
N PRO A 488 -5.63 -13.49 4.02
CA PRO A 488 -4.84 -12.55 3.22
C PRO A 488 -5.15 -12.67 1.72
N TYR A 489 -5.10 -11.55 1.01
CA TYR A 489 -5.35 -11.55 -0.42
C TYR A 489 -4.87 -10.24 -1.04
N THR A 490 -4.57 -10.28 -2.33
CA THR A 490 -4.10 -9.11 -3.03
C THR A 490 -4.57 -9.08 -4.47
N GLU A 491 -4.93 -7.89 -4.93
CA GLU A 491 -5.42 -7.70 -6.28
C GLU A 491 -6.54 -8.68 -6.62
N THR A 492 -6.51 -9.25 -7.82
CA THR A 492 -7.56 -10.16 -8.26
C THR A 492 -7.91 -11.34 -7.35
N LYS A 493 -6.93 -12.01 -6.76
CA LYS A 493 -7.23 -13.14 -5.87
C LYS A 493 -8.13 -12.68 -4.74
N GLY A 494 -8.34 -11.36 -4.65
CA GLY A 494 -9.16 -10.79 -3.60
C GLY A 494 -10.57 -10.34 -3.97
N ASP A 495 -10.87 -10.24 -5.27
CA ASP A 495 -12.20 -9.85 -5.67
C ASP A 495 -13.19 -10.86 -5.08
N ASN A 496 -14.27 -10.37 -4.49
CA ASN A 496 -15.26 -11.23 -3.87
C ASN A 496 -16.66 -10.67 -4.05
N LEU A 497 -17.55 -11.47 -4.64
CA LEU A 497 -18.91 -11.03 -4.88
C LEU A 497 -19.90 -11.37 -3.77
N ASN A 498 -19.53 -12.27 -2.86
CA ASN A 498 -20.41 -12.67 -1.77
C ASN A 498 -20.06 -12.01 -0.44
N LEU A 499 -18.84 -11.47 -0.36
CA LEU A 499 -18.32 -10.79 0.82
C LEU A 499 -18.66 -11.36 2.20
N THR A 500 -18.69 -12.69 2.31
CA THR A 500 -18.95 -13.31 3.61
C THR A 500 -17.65 -14.00 4.02
N ILE A 501 -17.24 -13.79 5.27
CA ILE A 501 -16.01 -14.38 5.76
C ILE A 501 -16.02 -15.89 5.67
N PRO A 502 -14.84 -16.51 5.52
CA PRO A 502 -14.76 -17.97 5.43
C PRO A 502 -15.01 -18.65 6.77
N GLU A 503 -15.37 -19.92 6.73
CA GLU A 503 -15.63 -20.68 7.95
C GLU A 503 -14.48 -21.61 8.27
N PRO A 504 -14.32 -21.99 9.55
CA PRO A 504 -15.20 -21.55 10.63
C PRO A 504 -14.89 -20.12 11.06
N GLY A 505 -15.92 -19.38 11.43
CA GLY A 505 -15.75 -18.02 11.86
C GLY A 505 -16.98 -17.66 12.66
N LEU A 506 -18.11 -17.57 11.95
CA LEU A 506 -19.39 -17.26 12.58
C LEU A 506 -19.72 -18.33 13.60
N SER A 507 -19.58 -19.59 13.22
CA SER A 507 -19.88 -20.69 14.11
C SER A 507 -19.10 -20.60 15.42
N THR A 508 -17.83 -20.20 15.31
CA THR A 508 -16.96 -20.06 16.48
C THR A 508 -17.46 -18.93 17.36
N VAL A 509 -17.88 -17.84 16.74
CA VAL A 509 -18.39 -16.71 17.49
C VAL A 509 -19.67 -17.10 18.17
N GLN A 510 -20.53 -17.80 17.45
CA GLN A 510 -21.80 -18.22 18.04
C GLN A 510 -21.59 -19.26 19.14
N ALA A 511 -20.62 -20.15 18.96
CA ALA A 511 -20.36 -21.16 19.97
C ALA A 511 -19.77 -20.52 21.22
N VAL A 512 -18.82 -19.60 21.02
CA VAL A 512 -18.18 -18.91 22.14
C VAL A 512 -19.17 -17.97 22.84
N CYS A 513 -19.73 -17.04 22.08
CA CYS A 513 -20.67 -16.07 22.64
C CYS A 513 -21.91 -16.71 23.26
N GLY A 514 -22.21 -17.94 22.88
CA GLY A 514 -23.35 -18.60 23.46
C GLY A 514 -23.01 -19.03 24.88
N GLY A 515 -21.75 -19.34 25.11
CA GLY A 515 -21.32 -19.77 26.44
C GLY A 515 -20.86 -18.70 27.42
N VAL A 516 -20.38 -17.56 26.93
CA VAL A 516 -19.91 -16.51 27.83
C VAL A 516 -19.89 -15.19 27.07
N ARG A 517 -20.07 -14.08 27.77
CA ARG A 517 -20.06 -12.78 27.10
C ARG A 517 -18.78 -12.72 26.27
N CYS A 518 -18.89 -12.16 25.07
CA CYS A 518 -17.76 -12.12 24.15
C CYS A 518 -17.54 -10.76 23.50
N ALA A 519 -16.33 -10.58 23.00
CA ALA A 519 -15.95 -9.38 22.27
C ALA A 519 -15.36 -9.95 20.99
N THR A 520 -16.01 -9.67 19.87
CA THR A 520 -15.57 -10.18 18.58
C THR A 520 -14.71 -9.18 17.82
N VAL A 521 -13.52 -9.63 17.44
CA VAL A 521 -12.60 -8.80 16.69
C VAL A 521 -12.67 -9.28 15.25
N LEU A 522 -13.17 -8.42 14.37
CA LEU A 522 -13.31 -8.75 12.97
C LEU A 522 -12.12 -8.24 12.15
N ILE A 523 -11.33 -9.17 11.64
CA ILE A 523 -10.15 -8.86 10.82
C ILE A 523 -10.63 -8.95 9.38
N SER A 524 -10.48 -7.87 8.64
CA SER A 524 -10.89 -7.86 7.25
C SER A 524 -10.35 -6.61 6.57
N GLY A 525 -10.30 -6.63 5.25
CA GLY A 525 -9.81 -5.46 4.55
C GLY A 525 -10.97 -4.65 4.01
N ARG A 526 -12.17 -4.94 4.50
CA ARG A 526 -13.36 -4.25 4.01
C ARG A 526 -14.61 -4.73 4.76
N PRO A 527 -15.74 -4.03 4.54
CA PRO A 527 -17.00 -4.39 5.18
C PRO A 527 -17.43 -5.74 4.63
N VAL A 528 -17.94 -6.61 5.48
CA VAL A 528 -18.40 -7.93 5.05
C VAL A 528 -19.76 -8.20 5.69
N VAL A 529 -20.50 -9.17 5.16
CA VAL A 529 -21.81 -9.48 5.75
C VAL A 529 -21.55 -9.61 7.24
N VAL A 530 -22.12 -8.70 8.02
CA VAL A 530 -21.88 -8.68 9.45
C VAL A 530 -23.10 -8.83 10.39
N GLN A 531 -24.31 -8.95 9.85
CA GLN A 531 -25.46 -9.07 10.74
C GLN A 531 -25.44 -10.32 11.63
N PRO A 532 -25.08 -11.49 11.09
CA PRO A 532 -25.04 -12.69 11.93
C PRO A 532 -24.01 -12.55 13.07
N LEU A 533 -22.84 -11.98 12.75
CA LEU A 533 -21.78 -11.75 13.73
C LEU A 533 -22.22 -10.78 14.81
N LEU A 534 -22.96 -9.76 14.42
CA LEU A 534 -23.47 -8.78 15.38
C LEU A 534 -24.50 -9.47 16.29
N ALA A 535 -25.35 -10.28 15.66
CA ALA A 535 -26.41 -10.99 16.39
C ALA A 535 -25.87 -11.77 17.59
N ALA A 536 -24.78 -12.49 17.37
CA ALA A 536 -24.20 -13.31 18.43
C ALA A 536 -23.33 -12.61 19.46
N SER A 537 -22.69 -11.51 19.06
CA SER A 537 -21.77 -10.82 19.95
C SER A 537 -22.30 -9.77 20.90
N ASP A 538 -21.65 -9.65 22.06
CA ASP A 538 -22.02 -8.65 23.07
C ASP A 538 -21.39 -7.36 22.55
N ALA A 539 -20.15 -7.46 22.10
CA ALA A 539 -19.43 -6.32 21.53
C ALA A 539 -18.68 -6.81 20.29
N LEU A 540 -18.54 -5.95 19.29
CA LEU A 540 -17.83 -6.33 18.07
C LEU A 540 -17.00 -5.15 17.61
N VAL A 541 -15.75 -5.44 17.23
CA VAL A 541 -14.84 -4.41 16.76
C VAL A 541 -14.34 -4.74 15.35
N ALA A 542 -14.36 -3.72 14.48
CA ALA A 542 -13.87 -3.87 13.12
C ALA A 542 -12.41 -3.42 13.20
N ALA A 543 -11.49 -4.38 13.13
CA ALA A 543 -10.07 -4.11 13.23
C ALA A 543 -9.35 -4.00 11.89
N TRP A 544 -10.08 -4.20 10.80
CA TRP A 544 -9.47 -4.11 9.48
C TRP A 544 -8.28 -5.08 9.46
N LEU A 545 -7.15 -4.62 8.96
CA LEU A 545 -5.93 -5.44 8.93
C LEU A 545 -4.90 -4.61 9.70
N PRO A 546 -4.96 -4.68 11.05
CA PRO A 546 -4.07 -3.97 11.98
C PRO A 546 -2.57 -4.03 11.77
N GLY A 547 -2.06 -5.14 11.24
CA GLY A 547 -0.62 -5.24 11.03
C GLY A 547 0.10 -6.12 12.04
N SER A 548 1.40 -5.94 12.16
CA SER A 548 2.20 -6.76 13.07
C SER A 548 2.06 -6.48 14.57
N GLU A 549 1.59 -5.29 14.92
CA GLU A 549 1.45 -4.89 16.33
C GLU A 549 0.07 -5.16 16.95
N GLY A 550 -0.18 -6.42 17.29
CA GLY A 550 -1.46 -6.80 17.87
C GLY A 550 -1.85 -6.06 19.13
N GLN A 551 -0.87 -5.62 19.90
CA GLN A 551 -1.16 -4.92 21.14
C GLN A 551 -2.02 -3.69 20.92
N GLY A 552 -2.05 -3.22 19.67
CA GLY A 552 -2.86 -2.06 19.36
C GLY A 552 -4.32 -2.40 19.59
N VAL A 553 -4.65 -3.67 19.37
CA VAL A 553 -6.01 -4.15 19.56
C VAL A 553 -6.40 -4.22 21.04
N THR A 554 -5.55 -4.83 21.86
CA THR A 554 -5.85 -4.94 23.28
C THR A 554 -5.72 -3.62 24.02
N ASP A 555 -4.97 -2.68 23.46
CA ASP A 555 -4.82 -1.37 24.09
C ASP A 555 -6.20 -0.73 24.18
N ALA A 556 -7.07 -1.16 23.27
CA ALA A 556 -8.42 -0.63 23.22
C ALA A 556 -9.39 -1.52 23.98
N LEU A 557 -9.27 -2.83 23.77
CA LEU A 557 -10.17 -3.77 24.43
C LEU A 557 -10.09 -3.67 25.95
N PHE A 558 -8.88 -3.41 26.46
CA PHE A 558 -8.69 -3.32 27.91
C PHE A 558 -8.72 -1.93 28.50
N GLY A 559 -9.20 -0.97 27.72
CA GLY A 559 -9.31 0.39 28.24
C GLY A 559 -8.09 1.28 28.40
N ASP A 560 -6.92 0.86 27.93
CA ASP A 560 -5.75 1.72 28.06
C ASP A 560 -6.00 3.01 27.28
N PHE A 561 -6.87 2.90 26.27
CA PHE A 561 -7.24 4.03 25.44
C PHE A 561 -8.69 3.81 25.03
N GLY A 562 -9.41 4.90 24.74
CA GLY A 562 -10.79 4.76 24.33
C GLY A 562 -10.89 4.56 22.82
N PHE A 563 -11.93 3.87 22.36
CA PHE A 563 -12.08 3.67 20.92
C PHE A 563 -12.41 5.01 20.31
N THR A 564 -11.82 5.32 19.15
CA THR A 564 -12.07 6.59 18.50
C THR A 564 -12.24 6.45 16.99
N GLY A 565 -11.95 5.28 16.46
CA GLY A 565 -12.07 5.07 15.03
C GLY A 565 -13.48 5.17 14.46
N ARG A 566 -13.58 5.73 13.25
CA ARG A 566 -14.86 5.90 12.57
C ARG A 566 -14.85 5.29 11.15
N LEU A 567 -15.88 4.53 10.83
CA LEU A 567 -15.99 3.89 9.53
C LEU A 567 -15.56 4.79 8.39
N PRO A 568 -14.52 4.37 7.64
CA PRO A 568 -13.99 5.13 6.50
C PRO A 568 -14.73 4.73 5.21
N ARG A 569 -15.70 3.83 5.36
CA ARG A 569 -16.52 3.36 4.24
C ARG A 569 -17.93 3.10 4.72
N THR A 570 -18.81 2.80 3.78
CA THR A 570 -20.19 2.51 4.11
C THR A 570 -20.26 1.02 4.38
N TRP A 571 -21.01 0.63 5.40
CA TRP A 571 -21.16 -0.80 5.69
C TRP A 571 -22.54 -1.17 5.19
N PHE A 572 -22.58 -2.05 4.21
CA PHE A 572 -23.82 -2.49 3.58
C PHE A 572 -24.63 -3.52 4.35
N LYS A 573 -25.90 -3.66 3.99
CA LYS A 573 -26.80 -4.65 4.61
C LYS A 573 -26.68 -5.94 3.81
N SER A 574 -26.47 -5.79 2.50
CA SER A 574 -26.30 -6.93 1.61
C SER A 574 -25.51 -6.50 0.37
N VAL A 575 -24.85 -7.47 -0.25
CA VAL A 575 -24.03 -7.21 -1.42
C VAL A 575 -24.81 -6.74 -2.64
N ASP A 576 -26.10 -7.08 -2.73
CA ASP A 576 -26.87 -6.63 -3.87
C ASP A 576 -27.21 -5.15 -3.84
N GLN A 577 -26.90 -4.47 -2.74
CA GLN A 577 -27.14 -3.03 -2.66
C GLN A 577 -26.03 -2.31 -3.42
N LEU A 578 -24.88 -2.96 -3.49
CA LEU A 578 -23.69 -2.41 -4.12
C LEU A 578 -23.76 -2.27 -5.64
N PRO A 579 -23.12 -1.23 -6.19
CA PRO A 579 -22.39 -0.23 -5.39
C PRO A 579 -23.35 0.65 -4.60
N MET A 580 -22.87 1.23 -3.50
CA MET A 580 -23.69 2.10 -2.66
C MET A 580 -22.81 2.96 -1.79
N ASN A 581 -22.65 4.24 -2.16
CA ASN A 581 -21.81 5.14 -1.37
C ASN A 581 -22.52 6.33 -0.75
N VAL A 582 -21.87 6.94 0.22
CA VAL A 582 -22.42 8.10 0.90
C VAL A 582 -22.73 9.18 -0.12
N GLY A 583 -23.98 9.62 -0.16
CA GLY A 583 -24.37 10.64 -1.10
C GLY A 583 -25.27 10.07 -2.19
N ASP A 584 -25.38 8.75 -2.23
CA ASP A 584 -26.25 8.10 -3.22
C ASP A 584 -27.70 8.34 -2.83
N ALA A 585 -28.59 8.33 -3.81
CA ALA A 585 -30.00 8.56 -3.54
C ALA A 585 -30.62 7.38 -2.79
N HIS A 586 -30.24 6.16 -3.16
CA HIS A 586 -30.77 4.96 -2.51
C HIS A 586 -29.91 4.57 -1.30
N TYR A 587 -29.26 5.54 -0.66
CA TYR A 587 -28.39 5.25 0.47
C TYR A 587 -29.07 4.64 1.70
N ASP A 588 -29.07 3.30 1.79
CA ASP A 588 -29.67 2.59 2.92
C ASP A 588 -28.64 1.65 3.54
N PRO A 589 -27.63 2.22 4.23
CA PRO A 589 -26.55 1.48 4.88
C PRO A 589 -26.93 0.82 6.21
N LEU A 590 -26.14 -0.19 6.59
CA LEU A 590 -26.34 -0.86 7.87
C LEU A 590 -25.67 0.08 8.87
N PHE A 591 -24.52 0.61 8.48
CA PHE A 591 -23.74 1.56 9.27
C PHE A 591 -23.26 2.61 8.27
N ARG A 592 -23.71 3.85 8.44
CA ARG A 592 -23.32 4.91 7.54
C ARG A 592 -21.85 5.27 7.74
N LEU A 593 -21.24 5.86 6.72
CA LEU A 593 -19.85 6.28 6.82
C LEU A 593 -19.79 7.26 7.98
N GLY A 594 -18.70 7.23 8.75
CA GLY A 594 -18.55 8.13 9.86
C GLY A 594 -18.98 7.50 11.18
N TYR A 595 -19.66 6.36 11.09
CA TYR A 595 -20.14 5.68 12.29
C TYR A 595 -19.03 5.05 13.13
N GLY A 596 -19.20 5.10 14.45
CA GLY A 596 -18.23 4.52 15.35
C GLY A 596 -18.57 4.77 16.80
N LEU A 597 -18.80 3.71 17.56
CA LEU A 597 -19.11 3.86 18.99
C LEU A 597 -17.82 4.25 19.67
N THR A 598 -17.90 4.88 20.84
CA THR A 598 -16.68 5.27 21.54
C THR A 598 -16.66 4.76 22.98
N THR A 599 -15.51 4.89 23.62
CA THR A 599 -15.32 4.47 25.00
C THR A 599 -14.23 5.38 25.54
N ASN A 600 -14.11 5.46 26.86
CA ASN A 600 -13.09 6.28 27.49
C ASN A 600 -12.13 5.41 28.29
N ALA A 601 -10.87 5.83 28.38
CA ALA A 601 -9.87 5.06 29.11
C ALA A 601 -10.18 4.90 30.60
N THR A 602 -9.87 3.73 31.13
CA THR A 602 -10.11 3.45 32.55
C THR A 602 -8.92 3.91 33.37
C1 NAG B . -13.67 -6.70 -17.61
C2 NAG B . -12.88 -6.85 -18.93
C3 NAG B . -13.55 -7.85 -19.88
C4 NAG B . -13.87 -9.16 -19.16
C5 NAG B . -14.69 -8.85 -17.90
C6 NAG B . -15.05 -10.09 -17.10
C7 NAG B . -11.89 -4.66 -19.17
C8 NAG B . -12.19 -3.20 -19.49
N2 NAG B . -12.77 -5.56 -19.60
O3 NAG B . -12.71 -8.11 -21.00
O4 NAG B . -14.61 -10.04 -20.04
O5 NAG B . -13.93 -7.97 -17.02
O6 NAG B . -13.92 -10.64 -16.46
O7 NAG B . -10.88 -4.96 -18.55
C1 NAG B . -13.95 -11.21 -20.40
C2 NAG B . -14.95 -12.28 -20.84
C3 NAG B . -14.19 -13.56 -21.24
C4 NAG B . -13.06 -13.26 -22.23
C5 NAG B . -12.21 -12.06 -21.78
C6 NAG B . -11.22 -11.59 -22.84
C7 NAG B . -17.15 -12.23 -19.87
C8 NAG B . -18.15 -13.36 -20.09
N2 NAG B . -15.88 -12.57 -19.75
O3 NAG B . -15.11 -14.48 -21.83
O4 NAG B . -12.20 -14.43 -22.35
O5 NAG B . -13.05 -10.92 -21.47
O6 NAG B . -10.78 -10.27 -22.58
O7 NAG B . -17.54 -11.06 -19.81
C1 BMA B . -12.57 -15.52 -23.15
C2 BMA B . -13.47 -15.08 -24.33
C3 BMA B . -13.75 -16.28 -25.25
C4 BMA B . -12.43 -16.92 -25.69
C5 BMA B . -11.59 -17.30 -24.47
C6 BMA B . -10.23 -17.86 -24.85
O2 BMA B . -12.84 -14.04 -25.08
O3 BMA B . -14.49 -15.86 -26.39
O4 BMA B . -12.70 -18.08 -26.49
O5 BMA B . -11.35 -16.13 -23.63
O6 BMA B . -9.28 -17.65 -23.81
C1 NAG C . -17.05 -15.98 -1.70
C2 NAG C . -17.08 -17.49 -1.45
C3 NAG C . -15.69 -17.92 -0.99
C4 NAG C . -14.67 -17.55 -2.07
C5 NAG C . -14.77 -16.05 -2.42
C6 NAG C . -13.91 -15.68 -3.60
C7 NAG C . -19.32 -18.12 -0.83
C8 NAG C . -20.45 -17.40 -0.12
N2 NAG C . -18.08 -17.84 -0.45
O3 NAG C . -15.67 -19.34 -0.77
O4 NAG C . -13.34 -17.83 -1.60
O5 NAG C . -16.13 -15.69 -2.76
O6 NAG C . -14.51 -16.09 -4.82
O7 NAG C . -19.57 -18.92 -1.74
C1 NAG C . -12.49 -18.47 -2.50
C2 NAG C . -11.05 -18.46 -1.96
C3 NAG C . -10.15 -19.23 -2.93
C4 NAG C . -10.73 -20.64 -3.20
C5 NAG C . -12.18 -20.54 -3.64
C6 NAG C . -12.84 -21.91 -3.80
C7 NAG C . -10.17 -16.64 -0.63
C8 NAG C . -9.15 -15.52 -0.63
N2 NAG C . -10.58 -17.10 -1.81
O3 NAG C . -8.85 -19.35 -2.36
O4 NAG C . -9.95 -21.30 -4.23
O5 NAG C . -12.96 -19.82 -2.67
O6 NAG C . -14.18 -21.89 -3.32
O7 NAG C . -10.60 -17.09 0.45
C1 BMA C . -9.33 -22.48 -3.85
C2 BMA C . -8.71 -23.17 -5.07
C3 BMA C . -7.93 -24.42 -4.62
C4 BMA C . -6.91 -24.05 -3.52
C5 BMA C . -7.64 -23.33 -2.38
C6 BMA C . -6.75 -22.87 -1.26
O2 BMA C . -7.84 -22.27 -5.75
O3 BMA C . -7.27 -25.01 -5.73
O4 BMA C . -6.28 -25.21 -3.02
O5 BMA C . -8.31 -22.16 -2.90
O6 BMA C . -7.45 -21.88 -0.47
C1 MAN C . -6.90 -21.69 0.80
C2 MAN C . -7.89 -20.94 1.68
C3 MAN C . -8.08 -19.53 1.12
C4 MAN C . -6.73 -18.81 1.05
C5 MAN C . -5.74 -19.63 0.23
C6 MAN C . -4.34 -19.06 0.26
O2 MAN C . -7.39 -20.86 3.04
O3 MAN C . -8.97 -18.80 1.94
O4 MAN C . -6.91 -17.53 0.44
O5 MAN C . -5.65 -20.98 0.75
O6 MAN C . -3.41 -19.92 -0.39
C1 NAG C . -7.68 -21.92 3.88
C2 NAG C . -6.83 -21.79 5.17
C3 NAG C . -7.24 -22.90 6.16
C4 NAG C . -8.74 -22.84 6.43
C5 NAG C . -9.51 -22.91 5.10
C6 NAG C . -11.00 -22.76 5.31
C7 NAG C . -4.76 -20.79 4.41
C8 NAG C . -3.79 -21.01 3.26
N2 NAG C . -5.41 -21.87 4.86
O3 NAG C . -6.52 -22.75 7.38
O4 NAG C . -9.14 -23.90 7.28
O5 NAG C . -9.09 -21.87 4.20
O6 NAG C . -11.30 -21.63 6.10
O7 NAG C . -4.92 -19.66 4.87
C1 FUC C . -15.74 -19.74 0.58
C2 FUC C . -16.28 -21.16 0.68
C3 FUC C . -15.28 -22.12 0.02
C4 FUC C . -13.91 -22.00 0.71
C5 FUC C . -13.45 -20.53 0.69
C6 FUC C . -12.18 -20.30 1.51
O2 FUC C . -17.55 -21.25 0.05
O3 FUC C . -15.77 -23.45 0.11
O4 FUC C . -14.01 -22.44 2.05
O5 FUC C . -14.46 -19.65 1.24
C1 NAG D . -14.44 10.33 26.16
C2 NAG D . -13.62 11.63 26.30
C3 NAG D . -14.19 12.74 25.40
C4 NAG D . -14.27 12.22 23.95
C5 NAG D . -15.14 10.96 23.95
C6 NAG D . -15.37 10.36 22.57
C7 NAG D . -12.66 11.65 28.49
C8 NAG D . -12.74 12.10 29.95
N2 NAG D . -13.63 12.05 27.68
O3 NAG D . -13.38 13.91 25.48
O4 NAG D . -14.81 13.23 23.07
O5 NAG D . -14.53 9.95 24.78
O6 NAG D . -14.19 10.39 21.79
O7 NAG D . -11.71 10.93 28.09
C1 NAG D . -14.16 13.41 21.85
C2 NAG D . -15.03 14.28 20.93
C3 NAG D . -14.26 14.74 19.67
C4 NAG D . -12.88 15.30 20.01
C5 NAG D . -12.14 14.28 20.89
C6 NAG D . -10.75 14.69 21.31
C7 NAG D . -17.35 13.76 21.08
C8 NAG D . -18.48 14.21 20.17
N2 NAG D . -16.18 13.51 20.52
O3 NAG D . -15.02 15.74 18.99
O4 NAG D . -12.15 15.57 18.82
O5 NAG D . -12.89 14.04 22.11
O6 NAG D . -10.23 13.77 22.26
O7 NAG D . -17.55 13.64 22.29
C1 LAM E . 1.60 -5.01 -9.32
C2 LAM E . 0.51 -4.00 -8.61
O2 LAM E . -0.66 -3.88 -9.55
C3 LAM E . 1.14 -2.54 -8.28
O3 LAM E . 0.23 -1.78 -7.41
C4 LAM E . 2.57 -2.69 -7.54
O4 LAM E . 3.02 -1.42 -7.24
C5 LAM E . 3.56 -3.48 -8.61
O5 LAM E . 2.95 -4.88 -8.76
C6 LAM E . 5.09 -3.70 -8.32
O6 LAM E . 5.31 -4.97 -7.57
C1A LAM E . 1.78 -9.94 -11.30
C2A LAM E . 1.06 -8.65 -10.48
C3A LAM E . 2.19 -7.75 -9.65
C4A LAM E . 3.10 -8.65 -8.63
C5A LAM E . 3.74 -10.02 -9.46
C6A LAM E . 4.36 -11.13 -8.46
O1A LAM E . 0.77 -10.76 -12.13
O2A LAM E . 0.22 -7.73 -11.40
O4A LAM E . 4.14 -7.71 -7.92
S3A LAM E . 1.25 -6.62 -8.58
O5A LAM E . 2.69 -10.82 -10.35
O6A LAM E . 5.59 -10.60 -7.88
#